data_1FJN
#
_entry.id   1FJN
#
_cell.length_a   1.000
_cell.length_b   1.000
_cell.length_c   1.000
_cell.angle_alpha   90.00
_cell.angle_beta   90.00
_cell.angle_gamma   90.00
#
_symmetry.space_group_name_H-M   'P 1'
#
_entity_poly.entity_id   1
_entity_poly.type   'polypeptide(L)'
_entity_poly.pdbx_seq_one_letter_code
;GFGCPNNYQCHRHCKSIPGRCGGYCGGWHRLRCTCYRCG
;
_entity_poly.pdbx_strand_id   A
#
# COMPACT_ATOMS: atom_id res chain seq x y z
N GLY A 1 0.27 -9.76 -1.62
CA GLY A 1 1.69 -9.34 -1.44
C GLY A 1 1.77 -8.05 -0.61
N PHE A 2 2.97 -7.66 -0.24
CA PHE A 2 3.15 -6.41 0.57
C PHE A 2 2.33 -6.49 1.87
N GLY A 3 2.13 -7.67 2.40
CA GLY A 3 1.34 -7.84 3.65
C GLY A 3 -0.14 -7.51 3.39
N CYS A 4 -0.73 -8.13 2.39
CA CYS A 4 -2.17 -7.86 2.08
C CYS A 4 -3.01 -9.07 2.50
N PRO A 5 -4.30 -8.84 2.73
CA PRO A 5 -4.93 -7.51 2.62
C PRO A 5 -4.71 -6.65 3.89
N ASN A 6 -3.71 -6.95 4.69
CA ASN A 6 -3.47 -6.15 5.94
C ASN A 6 -3.28 -4.67 5.58
N ASN A 7 -3.95 -3.80 6.30
CA ASN A 7 -3.84 -2.33 6.02
C ASN A 7 -2.53 -1.79 6.62
N TYR A 8 -2.13 -2.27 7.78
CA TYR A 8 -0.88 -1.80 8.43
C TYR A 8 0.32 -2.19 7.57
N GLN A 9 0.44 -3.45 7.22
CA GLN A 9 1.59 -3.91 6.38
C GLN A 9 1.54 -3.22 5.01
N CYS A 10 0.37 -3.10 4.43
CA CYS A 10 0.25 -2.43 3.10
C CYS A 10 0.63 -0.95 3.24
N HIS A 11 0.19 -0.32 4.30
CA HIS A 11 0.52 1.11 4.53
C HIS A 11 2.03 1.25 4.77
N ARG A 12 2.63 0.31 5.47
CA ARG A 12 4.10 0.37 5.74
C ARG A 12 4.87 0.32 4.41
N HIS A 13 4.42 -0.50 3.49
CA HIS A 13 5.11 -0.59 2.16
C HIS A 13 4.99 0.75 1.43
N CYS A 14 3.83 1.36 1.46
CA CYS A 14 3.65 2.67 0.77
C CYS A 14 4.52 3.74 1.44
N LYS A 15 4.71 3.64 2.75
CA LYS A 15 5.55 4.63 3.48
C LYS A 15 7.02 4.53 3.02
N SER A 16 7.53 3.32 2.87
CA SER A 16 8.95 3.16 2.42
C SER A 16 9.10 3.66 0.98
N ILE A 17 8.05 3.60 0.18
CA ILE A 17 8.14 4.09 -1.22
C ILE A 17 8.25 5.62 -1.21
N PRO A 18 9.17 6.15 -2.00
CA PRO A 18 9.41 7.60 -2.10
C PRO A 18 8.31 8.28 -2.94
N GLY A 19 7.84 9.42 -2.49
CA GLY A 19 6.78 10.15 -3.24
C GLY A 19 5.39 9.56 -2.91
N ARG A 20 5.20 9.15 -1.68
CA ARG A 20 3.88 8.57 -1.28
C ARG A 20 3.53 8.97 0.15
N CYS A 21 2.35 8.63 0.59
CA CYS A 21 1.93 8.96 1.99
C CYS A 21 1.21 7.75 2.60
N GLY A 22 0.20 7.25 1.94
CA GLY A 22 -0.55 6.06 2.46
C GLY A 22 -0.94 5.14 1.31
N GLY A 23 -1.58 4.03 1.61
CA GLY A 23 -1.98 3.09 0.53
C GLY A 23 -3.01 2.07 1.06
N TYR A 24 -3.41 1.14 0.23
CA TYR A 24 -4.41 0.11 0.65
C TYR A 24 -4.25 -1.15 -0.21
N CYS A 25 -4.79 -2.26 0.25
CA CYS A 25 -4.68 -3.54 -0.54
C CYS A 25 -5.84 -3.61 -1.54
N GLY A 26 -5.54 -3.50 -2.81
CA GLY A 26 -6.60 -3.57 -3.85
C GLY A 26 -5.97 -3.55 -5.24
N GLY A 27 -6.61 -4.17 -6.20
CA GLY A 27 -6.07 -4.20 -7.60
C GLY A 27 -6.05 -5.65 -8.10
N TRP A 28 -5.35 -6.51 -7.40
CA TRP A 28 -5.28 -7.95 -7.81
C TRP A 28 -5.74 -8.83 -6.64
N HIS A 29 -7.01 -9.19 -6.64
CA HIS A 29 -7.57 -10.05 -5.55
C HIS A 29 -7.33 -9.40 -4.18
N ARG A 30 -7.35 -8.08 -4.12
CA ARG A 30 -7.13 -7.36 -2.83
C ARG A 30 -5.76 -7.75 -2.23
N LEU A 31 -4.82 -8.13 -3.09
CA LEU A 31 -3.47 -8.53 -2.58
C LEU A 31 -2.40 -7.51 -3.04
N ARG A 32 -2.72 -6.67 -4.01
CA ARG A 32 -1.73 -5.67 -4.49
C ARG A 32 -1.82 -4.41 -3.61
N CYS A 33 -0.70 -3.80 -3.31
CA CYS A 33 -0.71 -2.58 -2.45
C CYS A 33 -0.77 -1.32 -3.34
N THR A 34 -1.88 -0.63 -3.33
CA THR A 34 -2.01 0.60 -4.16
C THR A 34 -1.74 1.83 -3.28
N CYS A 35 -0.65 2.51 -3.54
CA CYS A 35 -0.29 3.72 -2.73
C CYS A 35 -0.55 4.99 -3.56
N TYR A 36 -0.86 6.08 -2.91
CA TYR A 36 -1.12 7.35 -3.66
C TYR A 36 -0.04 8.40 -3.32
N ARG A 37 0.23 9.29 -4.25
CA ARG A 37 1.27 10.35 -4.00
C ARG A 37 0.77 11.32 -2.92
N CYS A 38 1.66 11.77 -2.08
CA CYS A 38 1.27 12.74 -1.01
C CYS A 38 1.23 14.16 -1.58
N GLY A 39 0.16 14.88 -1.32
CA GLY A 39 0.05 16.28 -1.85
C GLY A 39 0.59 17.26 -0.80
N GLY A 1 0.35 -9.68 -1.25
CA GLY A 1 1.80 -9.36 -1.00
C GLY A 1 1.91 -8.04 -0.21
N PHE A 2 3.11 -7.73 0.23
CA PHE A 2 3.34 -6.46 1.01
C PHE A 2 2.47 -6.45 2.29
N GLY A 3 2.21 -7.61 2.83
CA GLY A 3 1.39 -7.70 4.09
C GLY A 3 -0.08 -7.40 3.76
N CYS A 4 -0.61 -8.02 2.73
CA CYS A 4 -2.05 -7.79 2.37
C CYS A 4 -2.90 -8.99 2.82
N PRO A 5 -4.19 -8.75 3.02
CA PRO A 5 -4.82 -7.42 2.83
C PRO A 5 -4.63 -6.51 4.06
N ASN A 6 -3.70 -6.82 4.94
CA ASN A 6 -3.47 -5.96 6.15
C ASN A 6 -3.22 -4.51 5.73
N ASN A 7 -3.99 -3.59 6.28
CA ASN A 7 -3.82 -2.15 5.92
C ASN A 7 -2.59 -1.57 6.62
N TYR A 8 -2.29 -2.02 7.82
CA TYR A 8 -1.10 -1.50 8.54
C TYR A 8 0.17 -1.93 7.80
N GLN A 9 0.29 -3.20 7.51
CA GLN A 9 1.49 -3.70 6.76
C GLN A 9 1.52 -3.08 5.36
N CYS A 10 0.39 -3.05 4.70
CA CYS A 10 0.32 -2.45 3.33
C CYS A 10 0.72 -0.97 3.41
N HIS A 11 0.19 -0.27 4.40
CA HIS A 11 0.52 1.18 4.55
C HIS A 11 2.04 1.35 4.75
N ARG A 12 2.63 0.54 5.59
CA ARG A 12 4.10 0.63 5.83
C ARG A 12 4.87 0.42 4.53
N HIS A 13 4.46 -0.55 3.73
CA HIS A 13 5.16 -0.81 2.43
C HIS A 13 5.07 0.44 1.54
N CYS A 14 3.92 1.09 1.53
CA CYS A 14 3.77 2.32 0.69
C CYS A 14 4.64 3.45 1.25
N LYS A 15 4.85 3.45 2.56
CA LYS A 15 5.69 4.52 3.18
C LYS A 15 7.15 4.35 2.72
N SER A 16 7.65 3.13 2.70
CA SER A 16 9.06 2.90 2.24
C SER A 16 9.19 3.33 0.77
N ILE A 17 8.11 3.25 0.01
CA ILE A 17 8.16 3.67 -1.43
C ILE A 17 8.10 5.21 -1.49
N PRO A 18 8.99 5.79 -2.25
CA PRO A 18 9.08 7.27 -2.40
C PRO A 18 7.96 7.80 -3.32
N GLY A 19 7.43 8.95 -2.99
CA GLY A 19 6.34 9.55 -3.83
C GLY A 19 4.96 9.08 -3.35
N ARG A 20 4.86 8.54 -2.15
CA ARG A 20 3.54 8.06 -1.64
C ARG A 20 3.42 8.39 -0.14
N CYS A 21 2.22 8.71 0.30
CA CYS A 21 2.03 9.03 1.75
C CYS A 21 1.41 7.80 2.45
N GLY A 22 0.39 7.22 1.87
CA GLY A 22 -0.25 6.02 2.48
C GLY A 22 -0.54 4.98 1.39
N GLY A 23 -1.25 3.93 1.73
CA GLY A 23 -1.58 2.89 0.71
C GLY A 23 -2.61 1.89 1.26
N TYR A 24 -3.19 1.12 0.38
CA TYR A 24 -4.21 0.10 0.79
C TYR A 24 -4.06 -1.17 -0.06
N CYS A 25 -4.65 -2.26 0.38
CA CYS A 25 -4.56 -3.53 -0.41
C CYS A 25 -5.71 -3.58 -1.41
N GLY A 26 -5.41 -3.47 -2.68
CA GLY A 26 -6.49 -3.49 -3.71
C GLY A 26 -5.87 -3.63 -5.11
N GLY A 27 -6.55 -4.32 -6.00
CA GLY A 27 -6.02 -4.50 -7.39
C GLY A 27 -6.02 -5.99 -7.74
N TRP A 28 -4.95 -6.68 -7.42
CA TRP A 28 -4.87 -8.13 -7.74
C TRP A 28 -5.47 -8.95 -6.59
N HIS A 29 -6.74 -9.27 -6.67
CA HIS A 29 -7.42 -10.06 -5.61
C HIS A 29 -7.28 -9.36 -4.25
N ARG A 30 -7.22 -8.05 -4.26
CA ARG A 30 -7.08 -7.27 -2.97
C ARG A 30 -5.77 -7.68 -2.26
N LEU A 31 -4.79 -8.13 -3.00
CA LEU A 31 -3.49 -8.54 -2.38
C LEU A 31 -2.36 -7.57 -2.80
N ARG A 32 -2.61 -6.70 -3.75
CA ARG A 32 -1.55 -5.75 -4.19
C ARG A 32 -1.65 -4.45 -3.37
N CYS A 33 -0.54 -3.83 -3.08
CA CYS A 33 -0.56 -2.57 -2.27
C CYS A 33 -0.56 -1.36 -3.20
N THR A 34 -1.68 -0.68 -3.30
CA THR A 34 -1.77 0.53 -4.17
C THR A 34 -1.52 1.79 -3.32
N CYS A 35 -0.46 2.50 -3.58
CA CYS A 35 -0.15 3.73 -2.78
C CYS A 35 -0.59 4.98 -3.54
N TYR A 36 -0.75 6.09 -2.84
CA TYR A 36 -1.19 7.35 -3.51
C TYR A 36 -0.26 8.51 -3.14
N ARG A 37 -0.19 9.52 -3.96
CA ARG A 37 0.69 10.70 -3.69
C ARG A 37 0.20 11.44 -2.42
N CYS A 38 1.06 12.19 -1.80
CA CYS A 38 0.66 12.95 -0.57
C CYS A 38 0.14 14.33 -0.96
N GLY A 39 -1.06 14.66 -0.55
CA GLY A 39 -1.65 15.99 -0.89
C GLY A 39 -1.30 17.00 0.21
N GLY A 1 0.35 -9.54 -1.37
CA GLY A 1 1.77 -9.22 -1.08
C GLY A 1 1.87 -7.90 -0.29
N PHE A 2 3.06 -7.53 0.12
CA PHE A 2 3.27 -6.26 0.88
C PHE A 2 2.43 -6.29 2.17
N GLY A 3 2.22 -7.45 2.75
CA GLY A 3 1.42 -7.56 4.00
C GLY A 3 -0.06 -7.30 3.70
N CYS A 4 -0.58 -7.87 2.63
CA CYS A 4 -2.03 -7.67 2.29
C CYS A 4 -2.83 -8.91 2.69
N PRO A 5 -4.13 -8.74 2.86
CA PRO A 5 -4.82 -7.44 2.66
C PRO A 5 -4.69 -6.53 3.90
N ASN A 6 -3.78 -6.83 4.81
CA ASN A 6 -3.62 -5.97 6.03
C ASN A 6 -3.32 -4.52 5.63
N ASN A 7 -4.08 -3.58 6.15
CA ASN A 7 -3.86 -2.14 5.81
C ASN A 7 -2.64 -1.60 6.56
N TYR A 8 -2.39 -2.10 7.75
CA TYR A 8 -1.20 -1.63 8.53
C TYR A 8 0.08 -2.01 7.79
N GLN A 9 0.20 -3.26 7.40
CA GLN A 9 1.41 -3.71 6.65
C GLN A 9 1.42 -3.04 5.27
N CYS A 10 0.27 -2.96 4.64
CA CYS A 10 0.19 -2.31 3.28
C CYS A 10 0.63 -0.86 3.42
N HIS A 11 0.18 -0.19 4.46
CA HIS A 11 0.57 1.24 4.67
C HIS A 11 2.09 1.32 4.89
N ARG A 12 2.64 0.39 5.62
CA ARG A 12 4.12 0.38 5.87
C ARG A 12 4.87 0.27 4.53
N HIS A 13 4.38 -0.57 3.63
CA HIS A 13 5.04 -0.73 2.31
C HIS A 13 4.93 0.58 1.51
N CYS A 14 3.76 1.18 1.51
CA CYS A 14 3.57 2.46 0.75
C CYS A 14 4.51 3.54 1.31
N LYS A 15 4.72 3.54 2.61
CA LYS A 15 5.63 4.56 3.22
C LYS A 15 7.07 4.30 2.76
N SER A 16 7.43 3.04 2.60
CA SER A 16 8.82 2.71 2.13
C SER A 16 9.00 3.22 0.69
N ILE A 17 7.92 3.29 -0.07
CA ILE A 17 8.01 3.79 -1.47
C ILE A 17 8.09 5.33 -1.45
N PRO A 18 9.04 5.87 -2.18
CA PRO A 18 9.24 7.32 -2.26
C PRO A 18 8.19 7.98 -3.16
N GLY A 19 7.63 9.08 -2.71
CA GLY A 19 6.59 9.79 -3.51
C GLY A 19 5.17 9.38 -3.06
N ARG A 20 5.05 8.38 -2.21
CA ARG A 20 3.69 7.96 -1.76
C ARG A 20 3.50 8.34 -0.28
N CYS A 21 2.28 8.61 0.11
CA CYS A 21 2.00 8.97 1.53
C CYS A 21 1.32 7.78 2.22
N GLY A 22 0.21 7.32 1.69
CA GLY A 22 -0.50 6.16 2.29
C GLY A 22 -0.91 5.18 1.17
N GLY A 23 -1.54 4.09 1.54
CA GLY A 23 -1.97 3.11 0.49
C GLY A 23 -2.99 2.12 1.07
N TYR A 24 -3.37 1.14 0.28
CA TYR A 24 -4.36 0.12 0.74
C TYR A 24 -4.21 -1.16 -0.11
N CYS A 25 -4.81 -2.24 0.33
CA CYS A 25 -4.73 -3.51 -0.45
C CYS A 25 -5.92 -3.59 -1.41
N GLY A 26 -5.67 -3.47 -2.70
CA GLY A 26 -6.79 -3.51 -3.69
C GLY A 26 -6.23 -3.62 -5.11
N GLY A 27 -6.86 -4.39 -5.95
CA GLY A 27 -6.37 -4.55 -7.36
C GLY A 27 -6.25 -6.03 -7.69
N TRP A 28 -5.10 -6.61 -7.44
CA TRP A 28 -4.89 -8.06 -7.74
C TRP A 28 -5.46 -8.91 -6.59
N HIS A 29 -6.71 -9.28 -6.70
CA HIS A 29 -7.37 -10.12 -5.64
C HIS A 29 -7.27 -9.41 -4.28
N ARG A 30 -7.26 -8.09 -4.28
CA ARG A 30 -7.16 -7.32 -3.00
C ARG A 30 -5.86 -7.69 -2.27
N LEU A 31 -4.83 -8.05 -3.01
CA LEU A 31 -3.53 -8.43 -2.39
C LEU A 31 -2.43 -7.45 -2.80
N ARG A 32 -2.67 -6.60 -3.78
CA ARG A 32 -1.62 -5.62 -4.21
C ARG A 32 -1.75 -4.34 -3.38
N CYS A 33 -0.63 -3.74 -3.04
CA CYS A 33 -0.66 -2.48 -2.23
C CYS A 33 -0.71 -1.25 -3.16
N THR A 34 -1.87 -0.67 -3.33
CA THR A 34 -2.00 0.53 -4.21
C THR A 34 -1.76 1.78 -3.37
N CYS A 35 -0.66 2.45 -3.60
CA CYS A 35 -0.34 3.69 -2.82
C CYS A 35 -0.61 4.93 -3.68
N TYR A 36 -0.95 6.03 -3.08
CA TYR A 36 -1.22 7.29 -3.86
C TYR A 36 -0.14 8.34 -3.57
N ARG A 37 0.08 9.24 -4.50
CA ARG A 37 1.11 10.30 -4.32
C ARG A 37 0.67 11.28 -3.22
N CYS A 38 1.62 11.81 -2.48
CA CYS A 38 1.28 12.77 -1.38
C CYS A 38 1.25 14.20 -1.94
N GLY A 39 0.13 14.88 -1.79
CA GLY A 39 0.01 16.27 -2.30
C GLY A 39 -0.07 17.25 -1.12
N GLY A 1 0.37 -9.68 -1.62
CA GLY A 1 1.79 -9.38 -1.31
C GLY A 1 1.92 -8.03 -0.58
N PHE A 2 3.12 -7.65 -0.24
CA PHE A 2 3.34 -6.35 0.48
C PHE A 2 2.55 -6.33 1.80
N GLY A 3 2.33 -7.49 2.39
CA GLY A 3 1.58 -7.54 3.68
C GLY A 3 0.09 -7.30 3.43
N CYS A 4 -0.45 -7.85 2.37
CA CYS A 4 -1.91 -7.66 2.07
C CYS A 4 -2.68 -8.94 2.46
N PRO A 5 -3.98 -8.80 2.61
CA PRO A 5 -4.71 -7.53 2.40
C PRO A 5 -4.59 -6.60 3.63
N ASN A 6 -3.68 -6.88 4.54
CA ASN A 6 -3.52 -6.01 5.75
C ASN A 6 -3.21 -4.57 5.32
N ASN A 7 -4.04 -3.64 5.70
CA ASN A 7 -3.82 -2.20 5.33
C ASN A 7 -2.66 -1.64 6.15
N TYR A 8 -2.47 -2.11 7.36
CA TYR A 8 -1.35 -1.60 8.20
C TYR A 8 -0.02 -2.00 7.55
N GLN A 9 0.13 -3.26 7.23
CA GLN A 9 1.40 -3.73 6.57
C GLN A 9 1.52 -3.06 5.20
N CYS A 10 0.44 -2.99 4.45
CA CYS A 10 0.49 -2.34 3.11
C CYS A 10 0.88 -0.87 3.28
N HIS A 11 0.33 -0.22 4.29
CA HIS A 11 0.67 1.22 4.53
C HIS A 11 2.17 1.34 4.83
N ARG A 12 2.71 0.46 5.65
CA ARG A 12 4.17 0.51 5.98
C ARG A 12 4.97 0.39 4.69
N HIS A 13 4.54 -0.47 3.79
CA HIS A 13 5.27 -0.65 2.49
C HIS A 13 5.18 0.65 1.69
N CYS A 14 4.01 1.25 1.61
CA CYS A 14 3.84 2.52 0.85
C CYS A 14 4.76 3.59 1.45
N LYS A 15 4.89 3.61 2.75
CA LYS A 15 5.79 4.62 3.42
C LYS A 15 7.24 4.38 2.99
N SER A 16 7.65 3.13 2.87
CA SER A 16 9.04 2.83 2.45
C SER A 16 9.27 3.33 1.01
N ILE A 17 8.23 3.37 0.21
CA ILE A 17 8.37 3.86 -1.21
C ILE A 17 8.46 5.39 -1.19
N PRO A 18 9.44 5.92 -1.90
CA PRO A 18 9.68 7.37 -1.99
C PRO A 18 8.65 8.04 -2.93
N GLY A 19 8.09 9.14 -2.53
CA GLY A 19 7.09 9.85 -3.38
C GLY A 19 5.67 9.35 -3.05
N ARG A 20 5.48 8.76 -1.89
CA ARG A 20 4.13 8.26 -1.51
C ARG A 20 3.81 8.68 -0.06
N CYS A 21 2.56 8.56 0.33
CA CYS A 21 2.17 8.95 1.73
C CYS A 21 1.46 7.75 2.39
N GLY A 22 0.41 7.27 1.78
CA GLY A 22 -0.34 6.11 2.36
C GLY A 22 -0.79 5.18 1.23
N GLY A 23 -1.36 4.05 1.56
CA GLY A 23 -1.82 3.10 0.49
C GLY A 23 -2.83 2.10 1.06
N TYR A 24 -3.20 1.13 0.25
CA TYR A 24 -4.19 0.10 0.68
C TYR A 24 -4.04 -1.17 -0.17
N CYS A 25 -4.75 -2.21 0.16
CA CYS A 25 -4.66 -3.48 -0.65
C CYS A 25 -5.88 -3.58 -1.57
N GLY A 26 -5.66 -3.63 -2.86
CA GLY A 26 -6.80 -3.73 -3.83
C GLY A 26 -6.28 -3.99 -5.23
N GLY A 27 -6.96 -4.83 -5.98
CA GLY A 27 -6.52 -5.14 -7.38
C GLY A 27 -6.53 -6.66 -7.59
N TRP A 28 -5.43 -7.30 -7.33
CA TRP A 28 -5.35 -8.79 -7.52
C TRP A 28 -5.78 -9.49 -6.22
N HIS A 29 -7.04 -9.87 -6.14
CA HIS A 29 -7.56 -10.56 -4.92
C HIS A 29 -7.30 -9.71 -3.67
N ARG A 30 -7.33 -8.40 -3.82
CA ARG A 30 -7.08 -7.49 -2.65
C ARG A 30 -5.68 -7.77 -2.05
N LEU A 31 -4.75 -8.22 -2.87
CA LEU A 31 -3.38 -8.52 -2.37
C LEU A 31 -2.37 -7.50 -2.94
N ARG A 32 -2.74 -6.78 -3.98
CA ARG A 32 -1.81 -5.76 -4.57
C ARG A 32 -1.84 -4.50 -3.71
N CYS A 33 -0.69 -3.89 -3.48
CA CYS A 33 -0.64 -2.65 -2.65
C CYS A 33 -0.71 -1.41 -3.55
N THR A 34 -1.67 -0.56 -3.31
CA THR A 34 -1.80 0.69 -4.14
C THR A 34 -1.51 1.90 -3.24
N CYS A 35 -0.43 2.60 -3.51
CA CYS A 35 -0.08 3.80 -2.69
C CYS A 35 -0.38 5.08 -3.47
N TYR A 36 -0.78 6.13 -2.79
CA TYR A 36 -1.09 7.41 -3.49
C TYR A 36 -0.05 8.49 -3.13
N ARG A 37 0.16 9.44 -4.00
CA ARG A 37 1.16 10.53 -3.74
C ARG A 37 0.61 11.49 -2.68
N CYS A 38 1.48 12.04 -1.87
CA CYS A 38 1.04 12.99 -0.80
C CYS A 38 0.81 14.38 -1.41
N GLY A 39 -0.28 15.03 -1.04
CA GLY A 39 -0.57 16.39 -1.58
C GLY A 39 0.01 17.45 -0.66
N GLY A 1 0.02 -9.88 -1.37
CA GLY A 1 1.47 -9.59 -1.16
C GLY A 1 1.62 -8.31 -0.33
N PHE A 2 2.84 -8.03 0.12
CA PHE A 2 3.10 -6.80 0.93
C PHE A 2 2.21 -6.78 2.18
N GLY A 3 1.90 -7.93 2.72
CA GLY A 3 1.04 -8.00 3.95
C GLY A 3 -0.41 -7.62 3.61
N CYS A 4 -0.98 -8.25 2.61
CA CYS A 4 -2.40 -7.92 2.23
C CYS A 4 -3.31 -9.09 2.66
N PRO A 5 -4.60 -8.81 2.77
CA PRO A 5 -5.17 -7.47 2.52
C PRO A 5 -4.98 -6.52 3.70
N ASN A 6 -4.14 -6.87 4.66
CA ASN A 6 -3.91 -5.99 5.85
C ASN A 6 -3.43 -4.59 5.37
N ASN A 7 -4.05 -3.54 5.87
CA ASN A 7 -3.64 -2.16 5.47
C ASN A 7 -2.43 -1.70 6.30
N TYR A 8 -2.21 -2.30 7.44
CA TYR A 8 -1.05 -1.89 8.29
C TYR A 8 0.25 -2.26 7.57
N GLN A 9 0.40 -3.52 7.23
CA GLN A 9 1.65 -3.96 6.50
C GLN A 9 1.68 -3.28 5.12
N CYS A 10 0.55 -3.21 4.47
CA CYS A 10 0.48 -2.54 3.13
C CYS A 10 0.89 -1.08 3.27
N HIS A 11 0.41 -0.43 4.32
CA HIS A 11 0.77 1.01 4.54
C HIS A 11 2.27 1.12 4.79
N ARG A 12 2.84 0.20 5.52
CA ARG A 12 4.31 0.24 5.79
C ARG A 12 5.08 0.22 4.47
N HIS A 13 4.65 -0.61 3.54
CA HIS A 13 5.34 -0.68 2.21
C HIS A 13 5.21 0.67 1.50
N CYS A 14 4.03 1.26 1.53
CA CYS A 14 3.84 2.59 0.87
C CYS A 14 4.64 3.66 1.64
N LYS A 15 4.78 3.50 2.93
CA LYS A 15 5.55 4.48 3.75
C LYS A 15 7.01 4.52 3.29
N SER A 16 7.61 3.37 3.06
CA SER A 16 9.04 3.34 2.61
C SER A 16 9.15 3.93 1.19
N ILE A 17 8.08 3.91 0.43
CA ILE A 17 8.12 4.46 -0.97
C ILE A 17 8.10 6.00 -0.89
N PRO A 18 9.06 6.62 -1.55
CA PRO A 18 9.20 8.09 -1.60
C PRO A 18 8.21 8.70 -2.60
N GLY A 19 7.70 9.88 -2.30
CA GLY A 19 6.74 10.55 -3.22
C GLY A 19 5.29 10.18 -2.84
N ARG A 20 5.10 9.20 -1.99
CA ARG A 20 3.72 8.80 -1.58
C ARG A 20 3.53 9.01 -0.08
N CYS A 21 2.34 8.75 0.41
CA CYS A 21 2.06 8.93 1.88
C CYS A 21 1.49 7.65 2.46
N GLY A 22 0.44 7.13 1.86
CA GLY A 22 -0.17 5.87 2.38
C GLY A 22 -0.64 5.00 1.21
N GLY A 23 -1.26 3.88 1.51
CA GLY A 23 -1.74 2.98 0.41
C GLY A 23 -2.78 1.98 0.97
N TYR A 24 -3.20 1.06 0.15
CA TYR A 24 -4.22 0.05 0.59
C TYR A 24 -4.08 -1.23 -0.25
N CYS A 25 -4.72 -2.29 0.17
CA CYS A 25 -4.64 -3.57 -0.60
C CYS A 25 -5.80 -3.63 -1.61
N GLY A 26 -5.50 -3.48 -2.87
CA GLY A 26 -6.58 -3.51 -3.91
C GLY A 26 -5.96 -3.51 -5.30
N GLY A 27 -6.56 -4.20 -6.23
CA GLY A 27 -6.01 -4.26 -7.62
C GLY A 27 -5.97 -5.72 -8.08
N TRP A 28 -5.30 -6.55 -7.34
CA TRP A 28 -5.21 -8.01 -7.71
C TRP A 28 -5.73 -8.85 -6.54
N HIS A 29 -6.99 -9.22 -6.58
CA HIS A 29 -7.59 -10.06 -5.49
C HIS A 29 -7.42 -9.37 -4.13
N ARG A 30 -7.43 -8.05 -4.11
CA ARG A 30 -7.26 -7.31 -2.82
C ARG A 30 -5.92 -7.69 -2.16
N LEU A 31 -4.96 -8.11 -2.95
CA LEU A 31 -3.63 -8.51 -2.39
C LEU A 31 -2.52 -7.58 -2.92
N ARG A 32 -2.83 -6.73 -3.88
CA ARG A 32 -1.80 -5.80 -4.42
C ARG A 32 -1.77 -4.51 -3.58
N CYS A 33 -0.60 -4.03 -3.26
CA CYS A 33 -0.50 -2.79 -2.44
C CYS A 33 -0.49 -1.56 -3.35
N THR A 34 -1.56 -0.79 -3.33
CA THR A 34 -1.63 0.43 -4.20
C THR A 34 -1.40 1.68 -3.32
N CYS A 35 -0.29 2.35 -3.54
CA CYS A 35 0.02 3.58 -2.74
C CYS A 35 -0.37 4.84 -3.54
N TYR A 36 -0.91 5.84 -2.89
CA TYR A 36 -1.33 7.08 -3.60
C TYR A 36 -0.34 8.23 -3.31
N ARG A 37 -0.20 9.14 -4.24
CA ARG A 37 0.74 10.29 -4.05
C ARG A 37 0.31 11.14 -2.84
N CYS A 38 1.25 11.75 -2.18
CA CYS A 38 0.92 12.61 -1.00
C CYS A 38 0.71 14.06 -1.45
N GLY A 39 -0.44 14.62 -1.18
CA GLY A 39 -0.72 16.03 -1.58
C GLY A 39 -0.35 16.97 -0.44
N GLY A 1 0.06 -9.92 -1.31
CA GLY A 1 1.52 -9.60 -1.13
C GLY A 1 1.68 -8.34 -0.28
N PHE A 2 2.90 -8.08 0.17
CA PHE A 2 3.17 -6.87 1.00
C PHE A 2 2.28 -6.86 2.26
N GLY A 3 1.93 -8.03 2.76
CA GLY A 3 1.06 -8.10 3.98
C GLY A 3 -0.34 -7.59 3.65
N CYS A 4 -1.01 -8.22 2.70
CA CYS A 4 -2.38 -7.78 2.32
C CYS A 4 -3.39 -8.89 2.70
N PRO A 5 -4.64 -8.51 2.86
CA PRO A 5 -5.11 -7.11 2.70
C PRO A 5 -4.84 -6.26 3.95
N ASN A 6 -3.93 -6.66 4.81
CA ASN A 6 -3.63 -5.86 6.04
C ASN A 6 -3.31 -4.40 5.66
N ASN A 7 -3.91 -3.45 6.35
CA ASN A 7 -3.66 -2.01 6.05
C ASN A 7 -2.32 -1.57 6.65
N TYR A 8 -2.02 -2.00 7.86
CA TYR A 8 -0.72 -1.61 8.51
C TYR A 8 0.45 -2.14 7.66
N GLN A 9 0.43 -3.41 7.32
CA GLN A 9 1.53 -3.99 6.49
C GLN A 9 1.63 -3.25 5.15
N CYS A 10 0.51 -3.05 4.49
CA CYS A 10 0.52 -2.33 3.19
C CYS A 10 1.01 -0.90 3.40
N HIS A 11 0.60 -0.27 4.48
CA HIS A 11 1.02 1.12 4.77
C HIS A 11 2.54 1.18 4.93
N ARG A 12 3.12 0.23 5.64
CA ARG A 12 4.60 0.22 5.83
C ARG A 12 5.31 0.12 4.47
N HIS A 13 4.82 -0.73 3.61
CA HIS A 13 5.43 -0.88 2.25
C HIS A 13 5.25 0.42 1.46
N CYS A 14 4.06 0.98 1.47
CA CYS A 14 3.81 2.25 0.73
C CYS A 14 4.63 3.39 1.35
N LYS A 15 4.82 3.37 2.65
CA LYS A 15 5.62 4.44 3.31
C LYS A 15 7.09 4.34 2.91
N SER A 16 7.63 3.13 2.84
CA SER A 16 9.05 2.97 2.44
C SER A 16 9.26 3.52 1.01
N ILE A 17 8.23 3.48 0.20
CA ILE A 17 8.33 4.01 -1.19
C ILE A 17 8.17 5.54 -1.16
N PRO A 18 9.08 6.23 -1.81
CA PRO A 18 9.08 7.71 -1.86
C PRO A 18 8.03 8.22 -2.86
N GLY A 19 7.40 9.33 -2.55
CA GLY A 19 6.35 9.89 -3.47
C GLY A 19 4.95 9.47 -3.01
N ARG A 20 4.85 8.51 -2.10
CA ARG A 20 3.50 8.06 -1.63
C ARG A 20 3.36 8.35 -0.13
N CYS A 21 2.16 8.66 0.30
CA CYS A 21 1.93 8.95 1.75
C CYS A 21 1.31 7.72 2.42
N GLY A 22 0.27 7.18 1.84
CA GLY A 22 -0.39 5.97 2.41
C GLY A 22 -0.64 4.95 1.31
N GLY A 23 -1.31 3.86 1.62
CA GLY A 23 -1.58 2.82 0.59
C GLY A 23 -2.66 1.85 1.08
N TYR A 24 -3.25 1.13 0.15
CA TYR A 24 -4.31 0.14 0.51
C TYR A 24 -4.14 -1.14 -0.32
N CYS A 25 -4.72 -2.23 0.12
CA CYS A 25 -4.60 -3.51 -0.65
C CYS A 25 -5.75 -3.59 -1.66
N GLY A 26 -5.45 -3.45 -2.93
CA GLY A 26 -6.52 -3.52 -3.97
C GLY A 26 -5.88 -3.53 -5.36
N GLY A 27 -6.49 -4.21 -6.30
CA GLY A 27 -5.92 -4.27 -7.68
C GLY A 27 -5.83 -5.73 -8.12
N TRP A 28 -5.15 -6.55 -7.34
CA TRP A 28 -5.01 -7.99 -7.69
C TRP A 28 -5.59 -8.84 -6.55
N HIS A 29 -6.87 -9.12 -6.60
CA HIS A 29 -7.53 -9.94 -5.54
C HIS A 29 -7.35 -9.27 -4.17
N ARG A 30 -7.28 -7.96 -4.13
CA ARG A 30 -7.09 -7.23 -2.84
C ARG A 30 -5.76 -7.67 -2.19
N LEU A 31 -4.80 -8.05 -3.01
CA LEU A 31 -3.48 -8.49 -2.46
C LEU A 31 -2.36 -7.54 -2.94
N ARG A 32 -2.63 -6.69 -3.91
CA ARG A 32 -1.58 -5.75 -4.40
C ARG A 32 -1.60 -4.47 -3.56
N CYS A 33 -0.44 -3.96 -3.21
CA CYS A 33 -0.37 -2.72 -2.39
C CYS A 33 -0.35 -1.49 -3.30
N THR A 34 -1.47 -0.82 -3.45
CA THR A 34 -1.53 0.39 -4.31
C THR A 34 -1.35 1.64 -3.43
N CYS A 35 -0.27 2.37 -3.62
CA CYS A 35 -0.01 3.59 -2.80
C CYS A 35 -0.42 4.85 -3.60
N TYR A 36 -0.97 5.82 -2.92
CA TYR A 36 -1.39 7.09 -3.63
C TYR A 36 -0.35 8.19 -3.39
N ARG A 37 -0.31 9.18 -4.26
CA ARG A 37 0.69 10.29 -4.11
C ARG A 37 0.29 11.19 -2.94
N CYS A 38 1.27 11.78 -2.29
CA CYS A 38 0.98 12.69 -1.13
C CYS A 38 0.87 14.14 -1.64
N GLY A 39 -0.22 14.79 -1.34
CA GLY A 39 -0.41 16.21 -1.78
C GLY A 39 0.14 17.16 -0.72
N GLY A 1 0.43 -9.56 -1.33
CA GLY A 1 1.83 -9.22 -0.93
C GLY A 1 1.86 -7.93 -0.12
N PHE A 2 3.02 -7.56 0.38
CA PHE A 2 3.16 -6.31 1.20
C PHE A 2 2.26 -6.40 2.45
N GLY A 3 1.99 -7.59 2.93
CA GLY A 3 1.13 -7.75 4.14
C GLY A 3 -0.31 -7.37 3.82
N CYS A 4 -0.88 -7.93 2.77
CA CYS A 4 -2.29 -7.61 2.40
C CYS A 4 -3.19 -8.79 2.79
N PRO A 5 -4.47 -8.52 2.91
CA PRO A 5 -5.06 -7.18 2.71
C PRO A 5 -4.93 -6.29 3.97
N ASN A 6 -3.99 -6.58 4.85
CA ASN A 6 -3.83 -5.74 6.09
C ASN A 6 -3.53 -4.28 5.70
N ASN A 7 -4.12 -3.35 6.41
CA ASN A 7 -3.90 -1.90 6.11
C ASN A 7 -2.58 -1.42 6.73
N TYR A 8 -2.28 -1.85 7.94
CA TYR A 8 -1.00 -1.42 8.60
C TYR A 8 0.19 -1.91 7.77
N GLN A 9 0.24 -3.19 7.48
CA GLN A 9 1.36 -3.75 6.67
C GLN A 9 1.41 -3.07 5.30
N CYS A 10 0.28 -2.92 4.66
CA CYS A 10 0.24 -2.26 3.32
C CYS A 10 0.73 -0.81 3.47
N HIS A 11 0.31 -0.15 4.52
CA HIS A 11 0.75 1.27 4.75
C HIS A 11 2.27 1.30 4.92
N ARG A 12 2.83 0.35 5.63
CA ARG A 12 4.31 0.31 5.83
C ARG A 12 5.00 0.24 4.47
N HIS A 13 4.53 -0.62 3.60
CA HIS A 13 5.15 -0.74 2.23
C HIS A 13 5.01 0.59 1.49
N CYS A 14 3.82 1.16 1.47
CA CYS A 14 3.62 2.47 0.77
C CYS A 14 4.52 3.54 1.41
N LYS A 15 4.67 3.50 2.72
CA LYS A 15 5.53 4.51 3.41
C LYS A 15 6.99 4.34 2.97
N SER A 16 7.45 3.11 2.83
CA SER A 16 8.86 2.88 2.39
C SER A 16 9.04 3.42 0.96
N ILE A 17 7.99 3.46 0.18
CA ILE A 17 8.09 3.99 -1.22
C ILE A 17 8.08 5.52 -1.17
N PRO A 18 9.04 6.13 -1.84
CA PRO A 18 9.19 7.60 -1.89
C PRO A 18 8.17 8.21 -2.86
N GLY A 19 7.43 9.19 -2.42
CA GLY A 19 6.41 9.85 -3.29
C GLY A 19 5.01 9.51 -2.81
N ARG A 20 4.82 8.35 -2.22
CA ARG A 20 3.47 7.95 -1.73
C ARG A 20 3.35 8.26 -0.23
N CYS A 21 2.17 8.61 0.22
CA CYS A 21 1.96 8.91 1.67
C CYS A 21 1.26 7.73 2.33
N GLY A 22 0.14 7.30 1.78
CA GLY A 22 -0.60 6.14 2.37
C GLY A 22 -0.90 5.11 1.27
N GLY A 23 -1.56 4.04 1.61
CA GLY A 23 -1.88 2.99 0.58
C GLY A 23 -2.92 2.02 1.11
N TYR A 24 -3.50 1.25 0.21
CA TYR A 24 -4.54 0.25 0.61
C TYR A 24 -4.39 -1.02 -0.24
N CYS A 25 -4.86 -2.14 0.25
CA CYS A 25 -4.76 -3.41 -0.51
C CYS A 25 -5.93 -3.50 -1.51
N GLY A 26 -5.63 -3.49 -2.78
CA GLY A 26 -6.72 -3.55 -3.81
C GLY A 26 -6.10 -3.57 -5.21
N GLY A 27 -6.67 -4.35 -6.09
CA GLY A 27 -6.13 -4.44 -7.49
C GLY A 27 -5.96 -5.91 -7.88
N TRP A 28 -4.90 -6.53 -7.42
CA TRP A 28 -4.66 -7.97 -7.75
C TRP A 28 -5.20 -8.85 -6.61
N HIS A 29 -6.44 -9.27 -6.73
CA HIS A 29 -7.06 -10.13 -5.66
C HIS A 29 -6.99 -9.43 -4.30
N ARG A 30 -7.02 -8.11 -4.30
CA ARG A 30 -6.94 -7.33 -3.03
C ARG A 30 -5.64 -7.68 -2.28
N LEU A 31 -4.63 -8.09 -3.00
CA LEU A 31 -3.32 -8.45 -2.37
C LEU A 31 -2.24 -7.44 -2.78
N ARG A 32 -2.49 -6.63 -3.78
CA ARG A 32 -1.49 -5.62 -4.23
C ARG A 32 -1.64 -4.35 -3.39
N CYS A 33 -0.54 -3.70 -3.07
CA CYS A 33 -0.60 -2.46 -2.25
C CYS A 33 -0.64 -1.23 -3.17
N THR A 34 -1.80 -0.64 -3.33
CA THR A 34 -1.93 0.56 -4.19
C THR A 34 -1.69 1.82 -3.34
N CYS A 35 -0.60 2.50 -3.57
CA CYS A 35 -0.28 3.73 -2.78
C CYS A 35 -0.61 4.98 -3.60
N TYR A 36 -0.99 6.06 -2.94
CA TYR A 36 -1.32 7.32 -3.67
C TYR A 36 -0.28 8.39 -3.35
N ARG A 37 -0.15 9.39 -4.21
CA ARG A 37 0.84 10.49 -3.99
C ARG A 37 0.45 11.32 -2.76
N CYS A 38 1.42 11.98 -2.17
CA CYS A 38 1.14 12.83 -0.97
C CYS A 38 0.98 14.29 -1.41
N GLY A 39 -0.11 14.92 -1.02
CA GLY A 39 -0.35 16.34 -1.40
C GLY A 39 -0.62 17.17 -0.14
N GLY A 1 0.43 -9.61 -1.61
CA GLY A 1 1.85 -9.31 -1.25
C GLY A 1 1.92 -8.01 -0.44
N PHE A 2 3.11 -7.67 0.04
CA PHE A 2 3.29 -6.41 0.84
C PHE A 2 2.41 -6.46 2.10
N GLY A 3 2.12 -7.64 2.61
CA GLY A 3 1.29 -7.77 3.84
C GLY A 3 -0.17 -7.42 3.51
N CYS A 4 -0.72 -8.00 2.47
CA CYS A 4 -2.15 -7.72 2.10
C CYS A 4 -3.03 -8.90 2.53
N PRO A 5 -4.31 -8.65 2.71
CA PRO A 5 -4.92 -7.31 2.53
C PRO A 5 -4.72 -6.41 3.76
N ASN A 6 -3.82 -6.77 4.66
CA ASN A 6 -3.59 -5.93 5.88
C ASN A 6 -3.23 -4.49 5.48
N ASN A 7 -3.98 -3.54 5.96
CA ASN A 7 -3.70 -2.10 5.62
C ASN A 7 -2.47 -1.61 6.39
N TYR A 8 -2.25 -2.14 7.58
CA TYR A 8 -1.07 -1.72 8.38
C TYR A 8 0.20 -2.17 7.66
N GLN A 9 0.25 -3.42 7.23
CA GLN A 9 1.45 -3.93 6.50
C GLN A 9 1.55 -3.21 5.15
N CYS A 10 0.43 -3.08 4.46
CA CYS A 10 0.44 -2.38 3.15
C CYS A 10 0.92 -0.94 3.34
N HIS A 11 0.47 -0.29 4.39
CA HIS A 11 0.89 1.11 4.67
C HIS A 11 2.41 1.15 4.87
N ARG A 12 2.97 0.18 5.56
CA ARG A 12 4.44 0.14 5.78
C ARG A 12 5.16 0.07 4.42
N HIS A 13 4.65 -0.76 3.53
CA HIS A 13 5.27 -0.90 2.18
C HIS A 13 5.11 0.42 1.41
N CYS A 14 3.94 1.01 1.43
CA CYS A 14 3.72 2.30 0.70
C CYS A 14 4.55 3.41 1.36
N LYS A 15 4.69 3.37 2.67
CA LYS A 15 5.49 4.41 3.38
C LYS A 15 6.97 4.32 2.98
N SER A 16 7.49 3.12 2.85
CA SER A 16 8.93 2.97 2.45
C SER A 16 9.14 3.56 1.04
N ILE A 17 8.11 3.53 0.21
CA ILE A 17 8.24 4.10 -1.17
C ILE A 17 8.11 5.63 -1.09
N PRO A 18 9.03 6.32 -1.72
CA PRO A 18 9.05 7.79 -1.74
C PRO A 18 8.00 8.35 -2.72
N GLY A 19 7.44 9.50 -2.40
CA GLY A 19 6.40 10.11 -3.28
C GLY A 19 5.00 9.63 -2.88
N ARG A 20 4.89 8.72 -1.95
CA ARG A 20 3.54 8.22 -1.52
C ARG A 20 3.35 8.48 -0.02
N CYS A 21 2.15 8.79 0.39
CA CYS A 21 1.88 9.05 1.84
C CYS A 21 1.29 7.79 2.48
N GLY A 22 0.31 7.20 1.85
CA GLY A 22 -0.33 5.97 2.41
C GLY A 22 -0.65 4.99 1.27
N GLY A 23 -1.35 3.93 1.58
CA GLY A 23 -1.70 2.93 0.53
C GLY A 23 -2.73 1.92 1.06
N TYR A 24 -3.32 1.16 0.17
CA TYR A 24 -4.33 0.14 0.58
C TYR A 24 -4.21 -1.11 -0.30
N CYS A 25 -4.75 -2.23 0.14
CA CYS A 25 -4.68 -3.47 -0.68
C CYS A 25 -5.90 -3.54 -1.60
N GLY A 26 -5.69 -3.65 -2.89
CA GLY A 26 -6.84 -3.71 -3.85
C GLY A 26 -6.31 -3.88 -5.28
N GLY A 27 -6.94 -4.73 -6.05
CA GLY A 27 -6.50 -4.96 -7.46
C GLY A 27 -6.40 -6.46 -7.74
N TRP A 28 -5.23 -7.03 -7.56
CA TRP A 28 -5.05 -8.49 -7.81
C TRP A 28 -5.50 -9.27 -6.57
N HIS A 29 -6.75 -9.69 -6.56
CA HIS A 29 -7.28 -10.46 -5.38
C HIS A 29 -7.09 -9.64 -4.09
N ARG A 30 -7.13 -8.33 -4.21
CA ARG A 30 -6.93 -7.45 -3.01
C ARG A 30 -5.58 -7.77 -2.35
N LEU A 31 -4.61 -8.18 -3.14
CA LEU A 31 -3.26 -8.51 -2.57
C LEU A 31 -2.22 -7.49 -3.05
N ARG A 32 -2.52 -6.73 -4.10
CA ARG A 32 -1.55 -5.71 -4.60
C ARG A 32 -1.68 -4.44 -3.74
N CYS A 33 -0.57 -3.83 -3.40
CA CYS A 33 -0.62 -2.59 -2.56
C CYS A 33 -0.64 -1.34 -3.45
N THR A 34 -1.73 -0.61 -3.42
CA THR A 34 -1.84 0.63 -4.24
C THR A 34 -1.57 1.85 -3.36
N CYS A 35 -0.46 2.53 -3.60
CA CYS A 35 -0.12 3.74 -2.78
C CYS A 35 -0.51 5.01 -3.55
N TYR A 36 -0.99 6.02 -2.86
CA TYR A 36 -1.38 7.29 -3.54
C TYR A 36 -0.32 8.37 -3.31
N ARG A 37 -0.29 9.38 -4.14
CA ARG A 37 0.70 10.48 -3.99
C ARG A 37 0.32 11.39 -2.82
N CYS A 38 1.29 11.94 -2.13
CA CYS A 38 0.98 12.85 -0.99
C CYS A 38 0.94 14.30 -1.47
N GLY A 39 -0.16 14.98 -1.23
CA GLY A 39 -0.29 16.40 -1.67
C GLY A 39 0.18 17.34 -0.54
N GLY A 1 0.37 -9.73 -1.47
CA GLY A 1 1.80 -9.36 -1.26
C GLY A 1 1.90 -8.04 -0.47
N PHE A 2 3.10 -7.67 -0.09
CA PHE A 2 3.30 -6.39 0.69
C PHE A 2 2.49 -6.43 2.00
N GLY A 3 2.24 -7.61 2.53
CA GLY A 3 1.47 -7.74 3.80
C GLY A 3 -0.01 -7.43 3.54
N CYS A 4 -0.57 -7.97 2.48
CA CYS A 4 -2.01 -7.72 2.17
C CYS A 4 -2.85 -8.94 2.60
N PRO A 5 -4.14 -8.73 2.79
CA PRO A 5 -4.80 -7.41 2.61
C PRO A 5 -4.61 -6.51 3.86
N ASN A 6 -3.70 -6.84 4.74
CA ASN A 6 -3.48 -6.00 5.97
C ASN A 6 -3.09 -4.57 5.55
N ASN A 7 -3.79 -3.59 6.07
CA ASN A 7 -3.47 -2.17 5.72
C ASN A 7 -2.24 -1.69 6.51
N TYR A 8 -1.99 -2.25 7.68
CA TYR A 8 -0.81 -1.82 8.47
C TYR A 8 0.47 -2.23 7.72
N GLN A 9 0.54 -3.48 7.32
CA GLN A 9 1.74 -3.96 6.56
C GLN A 9 1.75 -3.27 5.20
N CYS A 10 0.59 -3.13 4.58
CA CYS A 10 0.50 -2.45 3.26
C CYS A 10 1.00 -1.00 3.40
N HIS A 11 0.61 -0.34 4.47
CA HIS A 11 1.04 1.07 4.69
C HIS A 11 2.58 1.11 4.78
N ARG A 12 3.17 0.15 5.44
CA ARG A 12 4.66 0.11 5.56
C ARG A 12 5.27 0.01 4.15
N HIS A 13 4.72 -0.85 3.32
CA HIS A 13 5.24 -1.00 1.92
C HIS A 13 5.06 0.32 1.17
N CYS A 14 3.90 0.93 1.29
CA CYS A 14 3.65 2.23 0.58
C CYS A 14 4.56 3.31 1.16
N LYS A 15 4.75 3.31 2.46
CA LYS A 15 5.64 4.34 3.10
C LYS A 15 7.08 4.14 2.63
N SER A 16 7.53 2.91 2.50
CA SER A 16 8.93 2.65 2.04
C SER A 16 9.12 3.25 0.64
N ILE A 17 8.06 3.33 -0.14
CA ILE A 17 8.16 3.92 -1.51
C ILE A 17 8.08 5.45 -1.39
N PRO A 18 9.01 6.12 -2.02
CA PRO A 18 9.08 7.60 -2.01
C PRO A 18 8.04 8.20 -2.96
N GLY A 19 7.41 9.28 -2.57
CA GLY A 19 6.38 9.93 -3.44
C GLY A 19 4.97 9.57 -2.96
N ARG A 20 4.84 8.54 -2.14
CA ARG A 20 3.48 8.12 -1.65
C ARG A 20 3.37 8.38 -0.15
N CYS A 21 2.20 8.73 0.32
CA CYS A 21 2.01 8.97 1.78
C CYS A 21 1.42 7.71 2.44
N GLY A 22 0.32 7.22 1.92
CA GLY A 22 -0.31 6.00 2.50
C GLY A 22 -0.69 5.03 1.37
N GLY A 23 -1.39 3.96 1.70
CA GLY A 23 -1.78 2.98 0.65
C GLY A 23 -2.78 1.97 1.22
N TYR A 24 -3.40 1.20 0.36
CA TYR A 24 -4.39 0.17 0.81
C TYR A 24 -4.27 -1.08 -0.06
N CYS A 25 -4.75 -2.20 0.41
CA CYS A 25 -4.66 -3.46 -0.38
C CYS A 25 -5.87 -3.54 -1.32
N GLY A 26 -5.65 -3.49 -2.61
CA GLY A 26 -6.77 -3.56 -3.59
C GLY A 26 -6.22 -3.56 -5.01
N GLY A 27 -6.78 -4.37 -5.87
CA GLY A 27 -6.29 -4.44 -7.28
C GLY A 27 -6.18 -5.89 -7.72
N TRP A 28 -5.05 -6.51 -7.49
CA TRP A 28 -4.86 -7.94 -7.88
C TRP A 28 -5.35 -8.84 -6.74
N HIS A 29 -6.59 -9.26 -6.81
CA HIS A 29 -7.16 -10.16 -5.75
C HIS A 29 -7.02 -9.49 -4.37
N ARG A 30 -7.07 -8.17 -4.32
CA ARG A 30 -6.94 -7.45 -3.02
C ARG A 30 -5.59 -7.81 -2.35
N LEU A 31 -4.60 -8.16 -3.14
CA LEU A 31 -3.27 -8.53 -2.57
C LEU A 31 -2.19 -7.49 -2.97
N ARG A 32 -2.51 -6.59 -3.88
CA ARG A 32 -1.50 -5.57 -4.31
C ARG A 32 -1.65 -4.33 -3.43
N CYS A 33 -0.54 -3.66 -3.14
CA CYS A 33 -0.60 -2.44 -2.29
C CYS A 33 -0.70 -1.19 -3.18
N THR A 34 -1.87 -0.61 -3.26
CA THR A 34 -2.04 0.61 -4.10
C THR A 34 -1.76 1.86 -3.24
N CYS A 35 -0.68 2.55 -3.53
CA CYS A 35 -0.33 3.77 -2.74
C CYS A 35 -0.71 5.03 -3.52
N TYR A 36 -0.92 6.13 -2.83
CA TYR A 36 -1.29 7.41 -3.53
C TYR A 36 -0.25 8.49 -3.22
N ARG A 37 -0.11 9.46 -4.10
CA ARG A 37 0.88 10.56 -3.88
C ARG A 37 0.45 11.44 -2.71
N CYS A 38 1.42 12.01 -2.02
CA CYS A 38 1.10 12.89 -0.85
C CYS A 38 1.01 14.34 -1.33
N GLY A 39 -0.04 15.04 -0.95
CA GLY A 39 -0.20 16.46 -1.37
C GLY A 39 0.42 17.38 -0.31
N GLY A 1 0.56 -9.68 -1.60
CA GLY A 1 1.96 -9.31 -1.20
C GLY A 1 1.95 -8.01 -0.37
N PHE A 2 3.10 -7.62 0.12
CA PHE A 2 3.20 -6.36 0.95
C PHE A 2 2.30 -6.46 2.19
N GLY A 3 2.04 -7.66 2.67
CA GLY A 3 1.18 -7.83 3.88
C GLY A 3 -0.27 -7.50 3.54
N CYS A 4 -0.82 -8.12 2.53
CA CYS A 4 -2.25 -7.87 2.16
C CYS A 4 -3.11 -9.06 2.55
N PRO A 5 -4.40 -8.84 2.73
CA PRO A 5 -5.03 -7.51 2.56
C PRO A 5 -4.88 -6.63 3.82
N ASN A 6 -3.90 -6.90 4.68
CA ASN A 6 -3.71 -6.08 5.91
C ASN A 6 -3.51 -4.60 5.55
N ASN A 7 -4.12 -3.72 6.29
CA ASN A 7 -3.99 -2.25 6.01
C ASN A 7 -2.69 -1.71 6.63
N TYR A 8 -2.36 -2.14 7.83
CA TYR A 8 -1.12 -1.66 8.48
C TYR A 8 0.11 -2.11 7.68
N GLN A 9 0.20 -3.40 7.39
CA GLN A 9 1.36 -3.91 6.61
C GLN A 9 1.39 -3.26 5.23
N CYS A 10 0.25 -3.13 4.59
CA CYS A 10 0.20 -2.48 3.25
C CYS A 10 0.65 -1.02 3.37
N HIS A 11 0.21 -0.35 4.40
CA HIS A 11 0.60 1.07 4.61
C HIS A 11 2.11 1.15 4.87
N ARG A 12 2.63 0.24 5.66
CA ARG A 12 4.11 0.24 5.94
C ARG A 12 4.89 0.13 4.63
N HIS A 13 4.42 -0.68 3.71
CA HIS A 13 5.12 -0.85 2.40
C HIS A 13 5.06 0.47 1.62
N CYS A 14 3.91 1.11 1.59
CA CYS A 14 3.78 2.41 0.86
C CYS A 14 4.61 3.48 1.59
N LYS A 15 4.74 3.37 2.89
CA LYS A 15 5.52 4.38 3.67
C LYS A 15 7.00 4.31 3.27
N SER A 16 7.54 3.12 3.08
CA SER A 16 8.97 3.00 2.68
C SER A 16 9.15 3.52 1.24
N ILE A 17 8.11 3.48 0.44
CA ILE A 17 8.20 3.98 -0.97
C ILE A 17 8.17 5.51 -0.98
N PRO A 18 9.12 6.11 -1.65
CA PRO A 18 9.23 7.58 -1.75
C PRO A 18 8.23 8.14 -2.78
N GLY A 19 7.60 9.25 -2.45
CA GLY A 19 6.61 9.87 -3.39
C GLY A 19 5.19 9.54 -2.94
N ARG A 20 5.01 8.45 -2.23
CA ARG A 20 3.64 8.05 -1.76
C ARG A 20 3.51 8.30 -0.25
N CYS A 21 2.33 8.62 0.20
CA CYS A 21 2.11 8.88 1.65
C CYS A 21 1.50 7.62 2.29
N GLY A 22 0.41 7.14 1.75
CA GLY A 22 -0.23 5.92 2.31
C GLY A 22 -0.69 5.00 1.16
N GLY A 23 -1.26 3.86 1.46
CA GLY A 23 -1.71 2.94 0.39
C GLY A 23 -2.79 1.97 0.92
N TYR A 24 -3.19 1.03 0.10
CA TYR A 24 -4.23 0.05 0.52
C TYR A 24 -4.17 -1.19 -0.39
N CYS A 25 -4.65 -2.32 0.09
CA CYS A 25 -4.63 -3.57 -0.74
C CYS A 25 -5.85 -3.57 -1.66
N GLY A 26 -5.64 -3.67 -2.95
CA GLY A 26 -6.78 -3.69 -3.91
C GLY A 26 -6.28 -3.90 -5.34
N GLY A 27 -6.91 -4.76 -6.08
CA GLY A 27 -6.47 -5.02 -7.49
C GLY A 27 -6.37 -6.53 -7.72
N TRP A 28 -5.19 -7.09 -7.58
CA TRP A 28 -5.01 -8.55 -7.79
C TRP A 28 -5.46 -9.31 -6.54
N HIS A 29 -6.71 -9.73 -6.51
CA HIS A 29 -7.24 -10.49 -5.34
C HIS A 29 -7.03 -9.66 -4.05
N ARG A 30 -7.07 -8.35 -4.17
CA ARG A 30 -6.85 -7.47 -2.98
C ARG A 30 -5.51 -7.82 -2.30
N LEU A 31 -4.55 -8.27 -3.08
CA LEU A 31 -3.23 -8.63 -2.51
C LEU A 31 -2.17 -7.61 -2.97
N ARG A 32 -2.46 -6.85 -4.01
CA ARG A 32 -1.50 -5.82 -4.50
C ARG A 32 -1.68 -4.54 -3.67
N CYS A 33 -0.59 -3.93 -3.27
CA CYS A 33 -0.69 -2.67 -2.47
C CYS A 33 -0.64 -1.44 -3.39
N THR A 34 -1.70 -0.67 -3.40
CA THR A 34 -1.75 0.55 -4.27
C THR A 34 -1.49 1.79 -3.40
N CYS A 35 -0.36 2.44 -3.62
CA CYS A 35 -0.03 3.65 -2.82
C CYS A 35 -0.36 4.92 -3.63
N TYR A 36 -0.86 5.94 -2.98
CA TYR A 36 -1.21 7.20 -3.70
C TYR A 36 -0.17 8.29 -3.40
N ARG A 37 -0.03 9.26 -4.27
CA ARG A 37 0.97 10.36 -4.05
C ARG A 37 0.52 11.25 -2.88
N CYS A 38 1.47 11.84 -2.19
CA CYS A 38 1.13 12.74 -1.05
C CYS A 38 0.99 14.18 -1.55
N GLY A 39 0.10 14.94 -0.97
CA GLY A 39 -0.10 16.36 -1.40
C GLY A 39 0.99 17.25 -0.79
N GLY A 1 0.10 -9.89 -1.60
CA GLY A 1 1.55 -9.62 -1.34
C GLY A 1 1.71 -8.37 -0.47
N PHE A 2 2.92 -8.09 -0.04
CA PHE A 2 3.18 -6.90 0.83
C PHE A 2 2.29 -6.93 2.09
N GLY A 3 1.97 -8.10 2.57
CA GLY A 3 1.10 -8.22 3.78
C GLY A 3 -0.32 -7.72 3.46
N CYS A 4 -0.98 -8.35 2.52
CA CYS A 4 -2.37 -7.93 2.16
C CYS A 4 -3.36 -9.03 2.57
N PRO A 5 -4.61 -8.65 2.76
CA PRO A 5 -5.07 -7.24 2.59
C PRO A 5 -4.77 -6.39 3.86
N ASN A 6 -3.85 -6.82 4.70
CA ASN A 6 -3.52 -6.03 5.93
C ASN A 6 -3.22 -4.57 5.57
N ASN A 7 -4.04 -3.67 6.04
CA ASN A 7 -3.84 -2.21 5.74
C ASN A 7 -2.58 -1.71 6.45
N TYR A 8 -2.30 -2.24 7.63
CA TYR A 8 -1.07 -1.80 8.38
C TYR A 8 0.18 -2.23 7.61
N GLN A 9 0.23 -3.47 7.17
CA GLN A 9 1.41 -3.95 6.39
C GLN A 9 1.49 -3.20 5.06
N CYS A 10 0.39 -3.12 4.35
CA CYS A 10 0.36 -2.39 3.05
C CYS A 10 0.75 -0.92 3.29
N HIS A 11 0.26 -0.34 4.35
CA HIS A 11 0.60 1.09 4.67
C HIS A 11 2.11 1.22 4.89
N ARG A 12 2.71 0.26 5.57
CA ARG A 12 4.18 0.30 5.82
C ARG A 12 4.92 0.32 4.48
N HIS A 13 4.48 -0.50 3.54
CA HIS A 13 5.14 -0.54 2.19
C HIS A 13 4.96 0.82 1.48
N CYS A 14 3.76 1.37 1.52
CA CYS A 14 3.52 2.69 0.86
C CYS A 14 4.41 3.76 1.47
N LYS A 15 4.63 3.70 2.77
CA LYS A 15 5.49 4.72 3.45
C LYS A 15 6.95 4.53 3.00
N SER A 16 7.36 3.31 2.76
CA SER A 16 8.77 3.05 2.32
C SER A 16 8.98 3.58 0.90
N ILE A 17 7.92 3.67 0.11
CA ILE A 17 8.04 4.19 -1.28
C ILE A 17 8.22 5.72 -1.24
N PRO A 18 9.14 6.21 -2.05
CA PRO A 18 9.42 7.67 -2.13
C PRO A 18 8.34 8.40 -2.94
N GLY A 19 7.94 9.55 -2.46
CA GLY A 19 6.88 10.34 -3.18
C GLY A 19 5.50 9.73 -2.92
N ARG A 20 5.28 9.21 -1.73
CA ARG A 20 3.96 8.59 -1.39
C ARG A 20 3.54 8.99 0.03
N CYS A 21 2.38 8.55 0.45
CA CYS A 21 1.90 8.87 1.82
C CYS A 21 1.17 7.67 2.41
N GLY A 22 0.15 7.19 1.73
CA GLY A 22 -0.61 6.00 2.24
C GLY A 22 -1.00 5.09 1.08
N GLY A 23 -1.70 4.02 1.38
CA GLY A 23 -2.13 3.08 0.29
C GLY A 23 -3.13 2.06 0.84
N TYR A 24 -3.40 1.03 0.08
CA TYR A 24 -4.38 -0.01 0.50
C TYR A 24 -4.24 -1.26 -0.38
N CYS A 25 -4.75 -2.38 0.06
CA CYS A 25 -4.66 -3.63 -0.75
C CYS A 25 -5.86 -3.70 -1.70
N GLY A 26 -5.62 -3.58 -2.99
CA GLY A 26 -6.73 -3.63 -3.98
C GLY A 26 -6.16 -3.74 -5.40
N GLY A 27 -6.80 -4.50 -6.25
CA GLY A 27 -6.32 -4.66 -7.65
C GLY A 27 -6.30 -6.13 -8.02
N TRP A 28 -5.38 -6.88 -7.46
CA TRP A 28 -5.30 -8.34 -7.76
C TRP A 28 -5.79 -9.14 -6.56
N HIS A 29 -7.05 -9.53 -6.56
CA HIS A 29 -7.62 -10.32 -5.42
C HIS A 29 -7.42 -9.58 -4.10
N ARG A 30 -7.45 -8.26 -4.13
CA ARG A 30 -7.25 -7.46 -2.88
C ARG A 30 -5.90 -7.79 -2.24
N LEU A 31 -4.94 -8.21 -3.04
CA LEU A 31 -3.59 -8.56 -2.50
C LEU A 31 -2.53 -7.59 -3.06
N ARG A 32 -2.89 -6.78 -4.03
CA ARG A 32 -1.90 -5.80 -4.62
C ARG A 32 -1.86 -4.55 -3.73
N CYS A 33 -0.68 -4.11 -3.38
CA CYS A 33 -0.55 -2.88 -2.52
C CYS A 33 -0.54 -1.64 -3.41
N THR A 34 -1.65 -0.93 -3.47
CA THR A 34 -1.73 0.30 -4.31
C THR A 34 -1.52 1.54 -3.43
N CYS A 35 -0.43 2.25 -3.63
CA CYS A 35 -0.15 3.48 -2.83
C CYS A 35 -0.38 4.72 -3.70
N TYR A 36 -0.86 5.80 -3.11
CA TYR A 36 -1.10 7.05 -3.90
C TYR A 36 -0.08 8.13 -3.53
N ARG A 37 0.18 9.03 -4.45
CA ARG A 37 1.17 10.13 -4.18
C ARG A 37 0.61 11.09 -3.13
N CYS A 38 1.47 11.59 -2.26
CA CYS A 38 1.01 12.54 -1.20
C CYS A 38 0.78 13.92 -1.81
N GLY A 39 -0.21 14.64 -1.33
CA GLY A 39 -0.49 16.00 -1.86
C GLY A 39 0.26 17.05 -1.04
N GLY A 1 0.31 -9.79 -1.23
CA GLY A 1 1.75 -9.42 -1.04
C GLY A 1 1.85 -8.10 -0.26
N PHE A 2 3.05 -7.73 0.13
CA PHE A 2 3.26 -6.45 0.90
C PHE A 2 2.40 -6.45 2.19
N GLY A 3 2.11 -7.61 2.72
CA GLY A 3 1.28 -7.69 3.96
C GLY A 3 -0.18 -7.33 3.63
N CYS A 4 -0.77 -7.98 2.65
CA CYS A 4 -2.19 -7.68 2.29
C CYS A 4 -3.08 -8.86 2.69
N PRO A 5 -4.35 -8.59 2.91
CA PRO A 5 -4.92 -7.24 2.80
C PRO A 5 -4.67 -6.38 4.06
N ASN A 6 -3.73 -6.78 4.91
CA ASN A 6 -3.45 -5.98 6.15
C ASN A 6 -3.21 -4.50 5.79
N ASN A 7 -4.08 -3.63 6.25
CA ASN A 7 -3.94 -2.17 5.93
C ASN A 7 -2.68 -1.61 6.62
N TYR A 8 -2.36 -2.08 7.80
CA TYR A 8 -1.14 -1.58 8.50
C TYR A 8 0.10 -2.01 7.72
N GLN A 9 0.21 -3.27 7.38
CA GLN A 9 1.40 -3.76 6.61
C GLN A 9 1.43 -3.09 5.24
N CYS A 10 0.30 -2.96 4.59
CA CYS A 10 0.25 -2.31 3.25
C CYS A 10 0.69 -0.84 3.39
N HIS A 11 0.23 -0.18 4.43
CA HIS A 11 0.60 1.24 4.66
C HIS A 11 2.12 1.36 4.88
N ARG A 12 2.69 0.49 5.69
CA ARG A 12 4.17 0.54 5.94
C ARG A 12 4.92 0.37 4.62
N HIS A 13 4.43 -0.46 3.74
CA HIS A 13 5.10 -0.66 2.42
C HIS A 13 5.04 0.65 1.63
N CYS A 14 3.91 1.32 1.65
CA CYS A 14 3.79 2.62 0.92
C CYS A 14 4.70 3.66 1.58
N LYS A 15 4.88 3.58 2.88
CA LYS A 15 5.77 4.55 3.60
C LYS A 15 7.20 4.44 3.06
N SER A 16 7.67 3.22 2.81
CA SER A 16 9.05 3.04 2.27
C SER A 16 9.10 3.47 0.80
N ILE A 17 7.99 3.40 0.10
CA ILE A 17 7.96 3.81 -1.34
C ILE A 17 8.05 5.35 -1.43
N PRO A 18 8.94 5.81 -2.29
CA PRO A 18 9.16 7.26 -2.51
C PRO A 18 8.05 7.87 -3.37
N GLY A 19 7.63 9.07 -3.06
CA GLY A 19 6.55 9.74 -3.85
C GLY A 19 5.16 9.28 -3.39
N ARG A 20 5.08 8.59 -2.27
CA ARG A 20 3.75 8.11 -1.78
C ARG A 20 3.60 8.44 -0.29
N CYS A 21 2.40 8.69 0.17
CA CYS A 21 2.18 8.99 1.61
C CYS A 21 1.51 7.79 2.28
N GLY A 22 0.42 7.34 1.74
CA GLY A 22 -0.30 6.16 2.34
C GLY A 22 -0.72 5.21 1.21
N GLY A 23 -1.38 4.13 1.55
CA GLY A 23 -1.82 3.16 0.49
C GLY A 23 -2.87 2.20 1.06
N TYR A 24 -3.26 1.23 0.25
CA TYR A 24 -4.28 0.23 0.69
C TYR A 24 -4.14 -1.06 -0.13
N CYS A 25 -4.74 -2.13 0.32
CA CYS A 25 -4.67 -3.42 -0.44
C CYS A 25 -5.81 -3.47 -1.46
N GLY A 26 -5.49 -3.48 -2.73
CA GLY A 26 -6.55 -3.51 -3.78
C GLY A 26 -5.90 -3.58 -5.16
N GLY A 27 -6.52 -4.27 -6.08
CA GLY A 27 -5.95 -4.40 -7.46
C GLY A 27 -5.91 -5.87 -7.86
N TRP A 28 -4.91 -6.59 -7.41
CA TRP A 28 -4.80 -8.05 -7.74
C TRP A 28 -5.35 -8.88 -6.59
N HIS A 29 -6.62 -9.22 -6.65
CA HIS A 29 -7.26 -10.03 -5.57
C HIS A 29 -7.08 -9.35 -4.20
N ARG A 30 -7.07 -8.04 -4.19
CA ARG A 30 -6.90 -7.29 -2.90
C ARG A 30 -5.58 -7.70 -2.23
N LEU A 31 -4.60 -8.12 -3.00
CA LEU A 31 -3.29 -8.54 -2.43
C LEU A 31 -2.19 -7.55 -2.85
N ARG A 32 -2.46 -6.71 -3.83
CA ARG A 32 -1.42 -5.71 -4.26
C ARG A 32 -1.54 -4.45 -3.42
N CYS A 33 -0.43 -3.81 -3.12
CA CYS A 33 -0.45 -2.57 -2.29
C CYS A 33 -0.48 -1.34 -3.21
N THR A 34 -1.60 -0.67 -3.29
CA THR A 34 -1.69 0.53 -4.16
C THR A 34 -1.48 1.79 -3.30
N CYS A 35 -0.39 2.50 -3.53
CA CYS A 35 -0.09 3.73 -2.73
C CYS A 35 -0.44 4.98 -3.55
N TYR A 36 -0.83 6.04 -2.88
CA TYR A 36 -1.20 7.31 -3.60
C TYR A 36 -0.19 8.41 -3.28
N ARG A 37 -0.09 9.41 -4.12
CA ARG A 37 0.86 10.54 -3.88
C ARG A 37 0.42 11.36 -2.67
N CYS A 38 1.34 12.08 -2.07
CA CYS A 38 0.99 12.90 -0.87
C CYS A 38 0.58 14.31 -1.33
N GLY A 39 -0.60 14.75 -0.94
CA GLY A 39 -1.08 16.11 -1.33
C GLY A 39 -0.69 17.12 -0.26
N GLY A 1 0.17 -9.61 -1.62
CA GLY A 1 1.62 -9.42 -1.30
C GLY A 1 1.81 -8.12 -0.48
N PHE A 2 3.02 -7.89 -0.02
CA PHE A 2 3.31 -6.65 0.79
C PHE A 2 2.41 -6.60 2.04
N GLY A 3 2.15 -7.74 2.64
CA GLY A 3 1.29 -7.78 3.87
C GLY A 3 -0.15 -7.46 3.49
N CYS A 4 -0.72 -8.18 2.55
CA CYS A 4 -2.13 -7.93 2.14
C CYS A 4 -2.99 -9.16 2.50
N PRO A 5 -4.28 -8.93 2.68
CA PRO A 5 -4.92 -7.61 2.53
C PRO A 5 -4.75 -6.74 3.80
N ASN A 6 -3.80 -7.06 4.66
CA ASN A 6 -3.58 -6.24 5.90
C ASN A 6 -3.40 -4.76 5.54
N ASN A 7 -4.06 -3.88 6.27
CA ASN A 7 -3.95 -2.42 5.96
C ASN A 7 -2.65 -1.84 6.55
N TYR A 8 -2.33 -2.18 7.78
CA TYR A 8 -1.09 -1.64 8.40
C TYR A 8 0.14 -2.11 7.60
N GLN A 9 0.25 -3.39 7.34
CA GLN A 9 1.41 -3.91 6.57
C GLN A 9 1.43 -3.27 5.18
N CYS A 10 0.30 -3.23 4.51
CA CYS A 10 0.26 -2.61 3.15
C CYS A 10 0.62 -1.13 3.26
N HIS A 11 0.11 -0.46 4.27
CA HIS A 11 0.42 0.98 4.46
C HIS A 11 1.92 1.18 4.68
N ARG A 12 2.53 0.36 5.52
CA ARG A 12 3.99 0.48 5.78
C ARG A 12 4.77 0.29 4.47
N HIS A 13 4.35 -0.64 3.63
CA HIS A 13 5.06 -0.88 2.34
C HIS A 13 4.98 0.40 1.48
N CYS A 14 3.84 1.04 1.46
CA CYS A 14 3.68 2.29 0.66
C CYS A 14 4.50 3.41 1.33
N LYS A 15 4.61 3.39 2.63
CA LYS A 15 5.38 4.45 3.35
C LYS A 15 6.87 4.36 2.97
N SER A 16 7.42 3.16 2.93
CA SER A 16 8.87 3.02 2.55
C SER A 16 9.08 3.52 1.12
N ILE A 17 8.07 3.43 0.28
CA ILE A 17 8.19 3.91 -1.13
C ILE A 17 8.20 5.45 -1.13
N PRO A 18 9.15 6.02 -1.83
CA PRO A 18 9.29 7.48 -1.94
C PRO A 18 8.26 8.09 -2.90
N GLY A 19 7.75 9.25 -2.58
CA GLY A 19 6.75 9.93 -3.46
C GLY A 19 5.34 9.46 -3.10
N ARG A 20 5.10 9.10 -1.86
CA ARG A 20 3.74 8.64 -1.45
C ARG A 20 3.49 8.95 0.03
N CYS A 21 2.29 8.71 0.50
CA CYS A 21 1.96 8.97 1.92
C CYS A 21 1.31 7.73 2.56
N GLY A 22 0.38 7.12 1.88
CA GLY A 22 -0.29 5.90 2.44
C GLY A 22 -0.56 4.88 1.32
N GLY A 23 -1.25 3.81 1.63
CA GLY A 23 -1.55 2.78 0.60
C GLY A 23 -2.57 1.76 1.13
N TYR A 24 -3.10 0.94 0.25
CA TYR A 24 -4.11 -0.08 0.68
C TYR A 24 -4.07 -1.29 -0.26
N CYS A 25 -4.59 -2.42 0.17
CA CYS A 25 -4.61 -3.64 -0.69
C CYS A 25 -5.83 -3.59 -1.60
N GLY A 26 -5.62 -3.45 -2.89
CA GLY A 26 -6.76 -3.39 -3.85
C GLY A 26 -6.25 -3.49 -5.29
N GLY A 27 -6.89 -4.29 -6.10
CA GLY A 27 -6.45 -4.44 -7.52
C GLY A 27 -6.32 -5.93 -7.85
N TRP A 28 -5.23 -6.53 -7.49
CA TRP A 28 -5.03 -7.98 -7.78
C TRP A 28 -5.63 -8.83 -6.64
N HIS A 29 -6.90 -9.14 -6.74
CA HIS A 29 -7.58 -9.96 -5.69
C HIS A 29 -7.44 -9.27 -4.32
N ARG A 30 -7.41 -7.95 -4.31
CA ARG A 30 -7.26 -7.21 -3.02
C ARG A 30 -5.94 -7.62 -2.34
N LEU A 31 -4.95 -8.00 -3.11
CA LEU A 31 -3.64 -8.43 -2.53
C LEU A 31 -2.52 -7.48 -2.97
N ARG A 32 -2.75 -6.67 -3.98
CA ARG A 32 -1.69 -5.73 -4.45
C ARG A 32 -1.74 -4.45 -3.59
N CYS A 33 -0.60 -3.91 -3.24
CA CYS A 33 -0.57 -2.67 -2.41
C CYS A 33 -0.60 -1.43 -3.31
N THR A 34 -1.73 -0.75 -3.36
CA THR A 34 -1.84 0.47 -4.21
C THR A 34 -1.52 1.71 -3.36
N CYS A 35 -0.44 2.39 -3.67
CA CYS A 35 -0.05 3.60 -2.88
C CYS A 35 -0.45 4.87 -3.66
N TYR A 36 -0.75 5.94 -2.97
CA TYR A 36 -1.15 7.20 -3.66
C TYR A 36 -0.10 8.30 -3.40
N ARG A 37 0.16 9.12 -4.39
CA ARG A 37 1.17 10.22 -4.24
C ARG A 37 0.72 11.17 -3.12
N CYS A 38 1.66 11.68 -2.35
CA CYS A 38 1.31 12.62 -1.25
C CYS A 38 1.36 14.06 -1.76
N GLY A 39 0.26 14.77 -1.64
CA GLY A 39 0.22 16.18 -2.11
C GLY A 39 0.60 17.12 -0.95
N GLY A 1 0.21 -9.58 -1.41
CA GLY A 1 1.63 -9.32 -1.04
C GLY A 1 1.74 -8.05 -0.19
N PHE A 2 2.92 -7.76 0.31
CA PHE A 2 3.13 -6.54 1.15
C PHE A 2 2.25 -6.58 2.40
N GLY A 3 1.92 -7.77 2.87
CA GLY A 3 1.07 -7.90 4.10
C GLY A 3 -0.36 -7.44 3.78
N CYS A 4 -0.94 -7.95 2.72
CA CYS A 4 -2.35 -7.55 2.36
C CYS A 4 -3.32 -8.67 2.77
N PRO A 5 -4.58 -8.33 2.89
CA PRO A 5 -5.09 -6.95 2.67
C PRO A 5 -4.90 -6.05 3.91
N ASN A 6 -4.09 -6.46 4.87
CA ASN A 6 -3.88 -5.64 6.10
C ASN A 6 -3.30 -4.27 5.72
N ASN A 7 -3.96 -3.20 6.12
CA ASN A 7 -3.47 -1.83 5.80
C ASN A 7 -2.21 -1.50 6.62
N TYR A 8 -2.03 -2.13 7.76
CA TYR A 8 -0.82 -1.83 8.59
C TYR A 8 0.44 -2.26 7.81
N GLN A 9 0.45 -3.47 7.31
CA GLN A 9 1.64 -3.94 6.53
C GLN A 9 1.62 -3.28 5.15
N CYS A 10 0.45 -3.10 4.58
CA CYS A 10 0.35 -2.44 3.24
C CYS A 10 0.85 -0.99 3.35
N HIS A 11 0.48 -0.30 4.41
CA HIS A 11 0.93 1.10 4.60
C HIS A 11 2.45 1.12 4.78
N ARG A 12 2.99 0.13 5.46
CA ARG A 12 4.48 0.06 5.66
C ARG A 12 5.16 0.00 4.29
N HIS A 13 4.64 -0.82 3.40
CA HIS A 13 5.25 -0.95 2.04
C HIS A 13 5.16 0.40 1.30
N CYS A 14 4.00 1.02 1.32
CA CYS A 14 3.85 2.34 0.64
C CYS A 14 4.73 3.39 1.32
N LYS A 15 4.90 3.28 2.62
CA LYS A 15 5.75 4.25 3.37
C LYS A 15 7.19 4.19 2.85
N SER A 16 7.72 3.00 2.64
CA SER A 16 9.12 2.88 2.13
C SER A 16 9.19 3.36 0.67
N ILE A 17 8.09 3.26 -0.07
CA ILE A 17 8.09 3.72 -1.50
C ILE A 17 8.09 5.25 -1.54
N PRO A 18 9.01 5.81 -2.31
CA PRO A 18 9.15 7.27 -2.46
C PRO A 18 8.10 7.83 -3.43
N GLY A 19 7.51 8.96 -3.10
CA GLY A 19 6.49 9.57 -4.00
C GLY A 19 5.08 9.28 -3.47
N ARG A 20 4.92 8.23 -2.69
CA ARG A 20 3.57 7.89 -2.14
C ARG A 20 3.56 8.12 -0.63
N CYS A 21 2.43 8.52 -0.10
CA CYS A 21 2.33 8.77 1.38
C CYS A 21 1.67 7.56 2.06
N GLY A 22 0.49 7.20 1.62
CA GLY A 22 -0.22 6.03 2.21
C GLY A 22 -0.62 5.05 1.10
N GLY A 23 -1.25 3.96 1.45
CA GLY A 23 -1.67 2.97 0.41
C GLY A 23 -2.72 1.99 0.96
N TYR A 24 -3.35 1.27 0.07
CA TYR A 24 -4.39 0.28 0.48
C TYR A 24 -4.28 -0.98 -0.39
N CYS A 25 -4.77 -2.10 0.10
CA CYS A 25 -4.70 -3.36 -0.69
C CYS A 25 -5.88 -3.41 -1.67
N GLY A 26 -5.59 -3.30 -2.95
CA GLY A 26 -6.67 -3.33 -3.98
C GLY A 26 -6.07 -3.45 -5.38
N GLY A 27 -6.66 -4.25 -6.23
CA GLY A 27 -6.13 -4.43 -7.61
C GLY A 27 -6.01 -5.92 -7.92
N TRP A 28 -4.96 -6.55 -7.43
CA TRP A 28 -4.76 -8.01 -7.69
C TRP A 28 -5.35 -8.82 -6.53
N HIS A 29 -6.60 -9.20 -6.64
CA HIS A 29 -7.25 -10.00 -5.56
C HIS A 29 -7.17 -9.26 -4.22
N ARG A 30 -7.19 -7.94 -4.26
CA ARG A 30 -7.09 -7.13 -3.00
C ARG A 30 -5.79 -7.49 -2.25
N LEU A 31 -4.76 -7.87 -2.99
CA LEU A 31 -3.47 -8.24 -2.33
C LEU A 31 -2.36 -7.28 -2.79
N ARG A 32 -2.60 -6.47 -3.80
CA ARG A 32 -1.55 -5.51 -4.26
C ARG A 32 -1.65 -4.21 -3.46
N CYS A 33 -0.54 -3.65 -3.07
CA CYS A 33 -0.56 -2.39 -2.27
C CYS A 33 -0.57 -1.17 -3.21
N THR A 34 -1.69 -0.52 -3.34
CA THR A 34 -1.78 0.68 -4.23
C THR A 34 -1.53 1.94 -3.39
N CYS A 35 -0.41 2.59 -3.62
CA CYS A 35 -0.08 3.82 -2.85
C CYS A 35 -0.48 5.08 -3.65
N TYR A 36 -0.84 6.14 -2.97
CA TYR A 36 -1.24 7.40 -3.67
C TYR A 36 -0.23 8.51 -3.38
N ARG A 37 -0.17 9.51 -4.24
CA ARG A 37 0.79 10.65 -4.03
C ARG A 37 0.45 11.38 -2.73
N CYS A 38 1.42 12.06 -2.17
CA CYS A 38 1.20 12.82 -0.90
C CYS A 38 0.84 14.28 -1.24
N GLY A 39 -0.26 14.75 -0.71
CA GLY A 39 -0.68 16.17 -0.98
C GLY A 39 -0.11 17.09 0.11
N GLY A 1 0.41 -9.83 -1.41
CA GLY A 1 1.84 -9.44 -1.21
C GLY A 1 1.92 -8.15 -0.38
N PHE A 2 3.12 -7.78 0.02
CA PHE A 2 3.32 -6.53 0.83
C PHE A 2 2.46 -6.56 2.11
N GLY A 3 2.21 -7.74 2.63
CA GLY A 3 1.38 -7.86 3.87
C GLY A 3 -0.10 -7.56 3.57
N CYS A 4 -0.61 -8.10 2.48
CA CYS A 4 -2.05 -7.87 2.14
C CYS A 4 -2.87 -9.09 2.56
N PRO A 5 -4.17 -8.91 2.68
CA PRO A 5 -4.85 -7.63 2.41
C PRO A 5 -4.75 -6.66 3.60
N ASN A 6 -3.91 -6.95 4.57
CA ASN A 6 -3.78 -6.05 5.76
C ASN A 6 -3.33 -4.65 5.31
N ASN A 7 -4.04 -3.63 5.74
CA ASN A 7 -3.67 -2.24 5.36
C ASN A 7 -2.49 -1.75 6.21
N TYR A 8 -2.27 -2.33 7.36
CA TYR A 8 -1.12 -1.91 8.21
C TYR A 8 0.18 -2.25 7.49
N GLN A 9 0.35 -3.49 7.10
CA GLN A 9 1.59 -3.90 6.36
C GLN A 9 1.64 -3.16 5.02
N CYS A 10 0.54 -3.12 4.33
CA CYS A 10 0.50 -2.40 3.01
C CYS A 10 0.85 -0.93 3.23
N HIS A 11 0.32 -0.34 4.29
CA HIS A 11 0.63 1.09 4.59
C HIS A 11 2.13 1.27 4.82
N ARG A 12 2.74 0.36 5.55
CA ARG A 12 4.21 0.46 5.81
C ARG A 12 4.97 0.43 4.48
N HIS A 13 4.53 -0.37 3.55
CA HIS A 13 5.21 -0.46 2.22
C HIS A 13 5.08 0.89 1.50
N CYS A 14 3.91 1.50 1.55
CA CYS A 14 3.71 2.82 0.89
C CYS A 14 4.63 3.86 1.54
N LYS A 15 4.87 3.74 2.81
CA LYS A 15 5.77 4.70 3.53
C LYS A 15 7.19 4.57 3.00
N SER A 16 7.68 3.35 2.82
CA SER A 16 9.08 3.17 2.30
C SER A 16 9.16 3.69 0.85
N ILE A 17 8.07 3.71 0.13
CA ILE A 17 8.10 4.21 -1.28
C ILE A 17 8.25 5.75 -1.26
N PRO A 18 9.19 6.24 -2.05
CA PRO A 18 9.46 7.69 -2.15
C PRO A 18 8.39 8.38 -3.00
N GLY A 19 7.81 9.43 -2.48
CA GLY A 19 6.76 10.17 -3.24
C GLY A 19 5.35 9.70 -2.81
N ARG A 20 5.27 8.71 -1.95
CA ARG A 20 3.93 8.20 -1.51
C ARG A 20 3.66 8.63 -0.06
N CYS A 21 2.44 8.50 0.37
CA CYS A 21 2.07 8.88 1.77
C CYS A 21 1.33 7.69 2.40
N GLY A 22 0.28 7.22 1.77
CA GLY A 22 -0.48 6.06 2.31
C GLY A 22 -0.92 5.14 1.16
N GLY A 23 -1.54 4.03 1.48
CA GLY A 23 -2.00 3.10 0.41
C GLY A 23 -2.96 2.06 0.98
N TYR A 24 -3.23 1.02 0.23
CA TYR A 24 -4.17 -0.04 0.70
C TYR A 24 -4.04 -1.29 -0.18
N CYS A 25 -4.69 -2.36 0.17
CA CYS A 25 -4.63 -3.60 -0.66
C CYS A 25 -5.83 -3.63 -1.59
N GLY A 26 -5.58 -3.76 -2.88
CA GLY A 26 -6.72 -3.79 -3.87
C GLY A 26 -6.17 -4.04 -5.28
N GLY A 27 -6.85 -4.87 -6.04
CA GLY A 27 -6.38 -5.17 -7.43
C GLY A 27 -6.40 -6.68 -7.66
N TRP A 28 -5.29 -7.33 -7.42
CA TRP A 28 -5.23 -8.81 -7.63
C TRP A 28 -5.68 -9.52 -6.35
N HIS A 29 -6.93 -9.90 -6.29
CA HIS A 29 -7.47 -10.60 -5.08
C HIS A 29 -7.22 -9.76 -3.82
N ARG A 30 -7.22 -8.45 -3.96
CA ARG A 30 -6.96 -7.54 -2.80
C ARG A 30 -5.60 -7.89 -2.16
N LEU A 31 -4.68 -8.39 -2.95
CA LEU A 31 -3.33 -8.75 -2.43
C LEU A 31 -2.29 -7.75 -2.94
N ARG A 32 -2.60 -7.01 -3.99
CA ARG A 32 -1.64 -6.01 -4.55
C ARG A 32 -1.69 -4.73 -3.69
N CYS A 33 -0.56 -4.13 -3.44
CA CYS A 33 -0.53 -2.89 -2.61
C CYS A 33 -0.61 -1.66 -3.53
N THR A 34 -1.60 -0.83 -3.32
CA THR A 34 -1.75 0.40 -4.16
C THR A 34 -1.46 1.64 -3.29
N CYS A 35 -0.36 2.30 -3.55
CA CYS A 35 0.01 3.52 -2.76
C CYS A 35 -0.19 4.76 -3.65
N TYR A 36 -0.65 5.85 -3.08
CA TYR A 36 -0.86 7.09 -3.90
C TYR A 36 0.13 8.19 -3.49
N ARG A 37 0.33 9.16 -4.36
CA ARG A 37 1.28 10.28 -4.05
C ARG A 37 0.71 11.17 -2.95
N CYS A 38 1.57 11.73 -2.14
CA CYS A 38 1.10 12.64 -1.04
C CYS A 38 0.74 14.01 -1.60
N GLY A 39 -0.37 14.57 -1.19
CA GLY A 39 -0.78 15.91 -1.70
C GLY A 39 -0.27 17.00 -0.76
N GLY A 1 0.28 -9.69 -1.36
CA GLY A 1 1.72 -9.32 -1.17
C GLY A 1 1.82 -8.01 -0.38
N PHE A 2 3.01 -7.65 0.04
CA PHE A 2 3.22 -6.38 0.82
C PHE A 2 2.36 -6.40 2.10
N GLY A 3 2.10 -7.57 2.63
CA GLY A 3 1.28 -7.67 3.88
C GLY A 3 -0.20 -7.43 3.56
N CYS A 4 -0.69 -7.96 2.47
CA CYS A 4 -2.13 -7.77 2.11
C CYS A 4 -2.93 -9.03 2.49
N PRO A 5 -4.23 -8.89 2.60
CA PRO A 5 -4.94 -7.60 2.38
C PRO A 5 -4.84 -6.68 3.61
N ASN A 6 -4.03 -7.01 4.59
CA ASN A 6 -3.89 -6.15 5.80
C ASN A 6 -3.43 -4.74 5.38
N ASN A 7 -3.96 -3.72 6.03
CA ASN A 7 -3.56 -2.33 5.68
C ASN A 7 -2.38 -1.87 6.54
N TYR A 8 -2.15 -2.50 7.67
CA TYR A 8 -0.99 -2.10 8.53
C TYR A 8 0.32 -2.39 7.79
N GLN A 9 0.52 -3.62 7.38
CA GLN A 9 1.77 -3.98 6.63
C GLN A 9 1.78 -3.24 5.29
N CYS A 10 0.62 -3.15 4.65
CA CYS A 10 0.54 -2.43 3.35
C CYS A 10 0.93 -0.96 3.56
N HIS A 11 0.43 -0.36 4.63
CA HIS A 11 0.75 1.06 4.93
C HIS A 11 2.27 1.22 5.06
N ARG A 12 2.93 0.31 5.76
CA ARG A 12 4.41 0.41 5.92
C ARG A 12 5.08 0.27 4.55
N HIS A 13 4.57 -0.62 3.71
CA HIS A 13 5.17 -0.81 2.36
C HIS A 13 5.06 0.50 1.56
N CYS A 14 3.90 1.12 1.57
CA CYS A 14 3.72 2.40 0.82
C CYS A 14 4.68 3.46 1.39
N LYS A 15 4.99 3.39 2.66
CA LYS A 15 5.92 4.39 3.28
C LYS A 15 7.35 4.15 2.76
N SER A 16 7.76 2.90 2.67
CA SER A 16 9.13 2.59 2.16
C SER A 16 9.28 3.11 0.72
N ILE A 17 8.18 3.19 -0.02
CA ILE A 17 8.24 3.71 -1.42
C ILE A 17 8.22 5.25 -1.39
N PRO A 18 9.16 5.86 -2.09
CA PRO A 18 9.27 7.33 -2.16
C PRO A 18 8.23 7.94 -3.10
N GLY A 19 7.65 9.05 -2.71
CA GLY A 19 6.61 9.71 -3.57
C GLY A 19 5.20 9.36 -3.07
N ARG A 20 5.07 8.32 -2.28
CA ARG A 20 3.72 7.93 -1.76
C ARG A 20 3.65 8.21 -0.26
N CYS A 21 2.50 8.59 0.23
CA CYS A 21 2.35 8.86 1.71
C CYS A 21 1.68 7.66 2.38
N GLY A 22 0.56 7.22 1.85
CA GLY A 22 -0.16 6.04 2.44
C GLY A 22 -0.62 5.12 1.31
N GLY A 23 -1.33 4.06 1.65
CA GLY A 23 -1.81 3.12 0.59
C GLY A 23 -2.83 2.13 1.16
N TYR A 24 -3.32 1.25 0.33
CA TYR A 24 -4.33 0.24 0.77
C TYR A 24 -4.22 -1.02 -0.10
N CYS A 25 -4.74 -2.13 0.37
CA CYS A 25 -4.68 -3.40 -0.43
C CYS A 25 -5.86 -3.41 -1.40
N GLY A 26 -5.58 -3.43 -2.69
CA GLY A 26 -6.68 -3.43 -3.70
C GLY A 26 -6.07 -3.40 -5.11
N GLY A 27 -6.70 -4.07 -6.04
CA GLY A 27 -6.18 -4.11 -7.44
C GLY A 27 -6.11 -5.56 -7.92
N TRP A 28 -5.21 -6.33 -7.36
CA TRP A 28 -5.08 -7.76 -7.76
C TRP A 28 -5.54 -8.66 -6.60
N HIS A 29 -6.81 -9.03 -6.60
CA HIS A 29 -7.36 -9.90 -5.52
C HIS A 29 -7.14 -9.24 -4.14
N ARG A 30 -7.15 -7.92 -4.10
CA ARG A 30 -6.92 -7.19 -2.81
C ARG A 30 -5.57 -7.62 -2.19
N LEU A 31 -4.65 -8.05 -3.03
CA LEU A 31 -3.30 -8.47 -2.53
C LEU A 31 -2.25 -7.45 -2.95
N ARG A 32 -2.53 -6.63 -3.94
CA ARG A 32 -1.54 -5.61 -4.39
C ARG A 32 -1.67 -4.36 -3.52
N CYS A 33 -0.58 -3.73 -3.20
CA CYS A 33 -0.63 -2.50 -2.35
C CYS A 33 -0.67 -1.25 -3.25
N THR A 34 -1.79 -0.57 -3.25
CA THR A 34 -1.92 0.67 -4.09
C THR A 34 -1.65 1.91 -3.22
N CYS A 35 -0.57 2.59 -3.48
CA CYS A 35 -0.23 3.81 -2.68
C CYS A 35 -0.61 5.08 -3.46
N TYR A 36 -0.79 6.18 -2.78
CA TYR A 36 -1.17 7.46 -3.47
C TYR A 36 -0.14 8.54 -3.18
N ARG A 37 -0.08 9.56 -4.01
CA ARG A 37 0.89 10.68 -3.80
C ARG A 37 0.57 11.43 -2.51
N CYS A 38 1.55 12.11 -1.95
CA CYS A 38 1.32 12.88 -0.70
C CYS A 38 1.04 14.34 -1.04
N GLY A 39 -0.13 14.83 -0.69
CA GLY A 39 -0.49 16.24 -0.98
C GLY A 39 -0.70 16.43 -2.50
N GLY A 1 0.48 -9.92 -1.34
CA GLY A 1 1.89 -9.47 -1.11
C GLY A 1 1.90 -8.09 -0.45
N PHE A 2 3.08 -7.59 -0.14
CA PHE A 2 3.20 -6.24 0.51
C PHE A 2 2.42 -6.21 1.84
N GLY A 3 2.24 -7.36 2.46
CA GLY A 3 1.50 -7.42 3.75
C GLY A 3 0.00 -7.22 3.51
N CYS A 4 -0.54 -7.77 2.45
CA CYS A 4 -2.01 -7.60 2.18
C CYS A 4 -2.76 -8.88 2.61
N PRO A 5 -4.04 -8.73 2.88
CA PRO A 5 -4.76 -7.43 2.79
C PRO A 5 -4.56 -6.57 4.06
N ASN A 6 -3.59 -6.88 4.89
CA ASN A 6 -3.37 -6.08 6.13
C ASN A 6 -3.04 -4.63 5.76
N ASN A 7 -3.96 -3.72 5.99
CA ASN A 7 -3.73 -2.28 5.65
C ASN A 7 -2.60 -1.69 6.50
N TYR A 8 -2.40 -2.20 7.70
CA TYR A 8 -1.30 -1.66 8.56
C TYR A 8 0.04 -2.00 7.90
N GLN A 9 0.26 -3.26 7.60
CA GLN A 9 1.53 -3.67 6.93
C GLN A 9 1.56 -3.06 5.53
N CYS A 10 0.43 -3.06 4.86
CA CYS A 10 0.35 -2.46 3.49
C CYS A 10 0.76 -0.99 3.55
N HIS A 11 0.27 -0.28 4.55
CA HIS A 11 0.64 1.15 4.72
C HIS A 11 2.15 1.27 4.88
N ARG A 12 2.75 0.35 5.61
CA ARG A 12 4.24 0.38 5.80
C ARG A 12 4.94 0.24 4.43
N HIS A 13 4.44 -0.65 3.59
CA HIS A 13 5.06 -0.84 2.24
C HIS A 13 4.95 0.46 1.44
N CYS A 14 3.82 1.14 1.52
CA CYS A 14 3.64 2.41 0.77
C CYS A 14 4.57 3.49 1.36
N LYS A 15 4.84 3.42 2.64
CA LYS A 15 5.74 4.41 3.30
C LYS A 15 7.18 4.24 2.79
N SER A 16 7.63 3.01 2.63
CA SER A 16 9.02 2.77 2.12
C SER A 16 9.12 3.30 0.69
N ILE A 17 8.04 3.28 -0.06
CA ILE A 17 8.07 3.79 -1.46
C ILE A 17 8.15 5.33 -1.42
N PRO A 18 9.10 5.88 -2.15
CA PRO A 18 9.32 7.35 -2.19
C PRO A 18 8.28 8.02 -3.10
N GLY A 19 7.57 8.98 -2.56
CA GLY A 19 6.54 9.71 -3.37
C GLY A 19 5.15 9.35 -2.86
N ARG A 20 4.95 8.12 -2.44
CA ARG A 20 3.62 7.69 -1.93
C ARG A 20 3.50 8.06 -0.44
N CYS A 21 2.32 8.45 -0.01
CA CYS A 21 2.12 8.80 1.43
C CYS A 21 1.40 7.65 2.14
N GLY A 22 0.26 7.24 1.61
CA GLY A 22 -0.50 6.12 2.23
C GLY A 22 -0.92 5.13 1.13
N GLY A 23 -1.53 4.04 1.52
CA GLY A 23 -1.97 3.03 0.48
C GLY A 23 -3.00 2.08 1.07
N TYR A 24 -3.55 1.22 0.23
CA TYR A 24 -4.58 0.24 0.70
C TYR A 24 -4.43 -1.07 -0.11
N CYS A 25 -4.97 -2.15 0.41
CA CYS A 25 -4.88 -3.45 -0.33
C CYS A 25 -6.02 -3.55 -1.34
N GLY A 26 -5.70 -3.50 -2.61
CA GLY A 26 -6.75 -3.58 -3.67
C GLY A 26 -6.09 -3.65 -5.05
N GLY A 27 -6.69 -4.38 -5.97
CA GLY A 27 -6.11 -4.50 -7.34
C GLY A 27 -6.02 -5.98 -7.73
N TRP A 28 -4.87 -6.58 -7.54
CA TRP A 28 -4.71 -8.03 -7.89
C TRP A 28 -5.30 -8.90 -6.79
N HIS A 29 -6.56 -9.25 -6.90
CA HIS A 29 -7.23 -10.10 -5.88
C HIS A 29 -7.12 -9.44 -4.49
N ARG A 30 -7.06 -8.12 -4.46
CA ARG A 30 -6.95 -7.39 -3.16
C ARG A 30 -5.68 -7.85 -2.42
N LEU A 31 -4.67 -8.27 -3.15
CA LEU A 31 -3.40 -8.73 -2.50
C LEU A 31 -2.24 -7.78 -2.86
N ARG A 32 -2.51 -6.73 -3.63
CA ARG A 32 -1.43 -5.76 -4.01
C ARG A 32 -1.61 -4.47 -3.20
N CYS A 33 -0.52 -3.81 -2.87
CA CYS A 33 -0.62 -2.54 -2.09
C CYS A 33 -0.71 -1.33 -3.04
N THR A 34 -1.88 -0.76 -3.17
CA THR A 34 -2.04 0.43 -4.07
C THR A 34 -1.77 1.70 -3.26
N CYS A 35 -0.65 2.33 -3.52
CA CYS A 35 -0.30 3.59 -2.80
C CYS A 35 -0.53 4.80 -3.70
N TYR A 36 -0.78 5.94 -3.12
CA TYR A 36 -1.03 7.17 -3.94
C TYR A 36 0.01 8.25 -3.61
N ARG A 37 0.19 9.20 -4.50
CA ARG A 37 1.19 10.29 -4.27
C ARG A 37 0.75 11.16 -3.09
N CYS A 38 1.70 11.80 -2.43
CA CYS A 38 1.36 12.67 -1.27
C CYS A 38 1.15 14.12 -1.75
N GLY A 39 0.07 14.74 -1.32
CA GLY A 39 -0.21 16.15 -1.75
C GLY A 39 0.42 17.12 -0.75
N GLY A 1 0.19 -10.14 -1.19
CA GLY A 1 1.60 -9.67 -1.10
C GLY A 1 1.65 -8.29 -0.44
N PHE A 2 2.84 -7.78 -0.21
CA PHE A 2 2.99 -6.43 0.42
C PHE A 2 2.25 -6.38 1.78
N GLY A 3 2.07 -7.52 2.41
CA GLY A 3 1.36 -7.57 3.72
C GLY A 3 -0.15 -7.32 3.49
N CYS A 4 -0.73 -7.95 2.50
CA CYS A 4 -2.19 -7.75 2.23
C CYS A 4 -2.97 -8.99 2.69
N PRO A 5 -4.25 -8.80 2.94
CA PRO A 5 -4.94 -7.50 2.82
C PRO A 5 -4.75 -6.61 4.08
N ASN A 6 -3.73 -6.87 4.88
CA ASN A 6 -3.50 -6.04 6.10
C ASN A 6 -3.32 -4.56 5.74
N ASN A 7 -3.99 -3.68 6.44
CA ASN A 7 -3.89 -2.21 6.15
C ASN A 7 -2.58 -1.65 6.71
N TYR A 8 -2.20 -2.05 7.90
CA TYR A 8 -0.94 -1.55 8.52
C TYR A 8 0.26 -2.01 7.68
N GLN A 9 0.34 -3.29 7.38
CA GLN A 9 1.49 -3.79 6.57
C GLN A 9 1.46 -3.16 5.17
N CYS A 10 0.29 -3.05 4.58
CA CYS A 10 0.18 -2.43 3.23
C CYS A 10 0.61 -0.95 3.33
N HIS A 11 0.19 -0.28 4.37
CA HIS A 11 0.57 1.15 4.55
C HIS A 11 2.08 1.23 4.81
N ARG A 12 2.63 0.29 5.54
CA ARG A 12 4.09 0.30 5.83
C ARG A 12 4.87 0.18 4.50
N HIS A 13 4.42 -0.66 3.60
CA HIS A 13 5.10 -0.82 2.28
C HIS A 13 5.06 0.52 1.51
N CYS A 14 3.92 1.17 1.49
CA CYS A 14 3.79 2.47 0.77
C CYS A 14 4.73 3.50 1.43
N LYS A 15 4.94 3.39 2.73
CA LYS A 15 5.83 4.35 3.44
C LYS A 15 7.27 4.19 2.94
N SER A 16 7.76 2.97 2.86
CA SER A 16 9.16 2.74 2.37
C SER A 16 9.31 3.28 0.94
N ILE A 17 8.23 3.34 0.18
CA ILE A 17 8.32 3.85 -1.22
C ILE A 17 8.28 5.39 -1.19
N PRO A 18 9.26 6.00 -1.82
CA PRO A 18 9.39 7.46 -1.89
C PRO A 18 8.40 8.05 -2.91
N GLY A 19 7.72 9.12 -2.55
CA GLY A 19 6.75 9.76 -3.48
C GLY A 19 5.30 9.39 -3.06
N ARG A 20 5.14 8.33 -2.30
CA ARG A 20 3.77 7.93 -1.86
C ARG A 20 3.62 8.21 -0.36
N CYS A 21 2.45 8.62 0.07
CA CYS A 21 2.23 8.90 1.53
C CYS A 21 1.57 7.70 2.19
N GLY A 22 0.48 7.22 1.64
CA GLY A 22 -0.23 6.04 2.22
C GLY A 22 -0.68 5.09 1.10
N GLY A 23 -1.35 4.02 1.45
CA GLY A 23 -1.84 3.07 0.42
C GLY A 23 -2.89 2.11 1.00
N TYR A 24 -3.33 1.17 0.21
CA TYR A 24 -4.36 0.20 0.67
C TYR A 24 -4.24 -1.11 -0.13
N CYS A 25 -4.83 -2.18 0.36
CA CYS A 25 -4.77 -3.48 -0.37
C CYS A 25 -5.91 -3.54 -1.39
N GLY A 26 -5.58 -3.52 -2.66
CA GLY A 26 -6.63 -3.56 -3.72
C GLY A 26 -5.97 -3.62 -5.10
N GLY A 27 -6.58 -4.31 -6.03
CA GLY A 27 -6.00 -4.42 -7.40
C GLY A 27 -6.00 -5.89 -7.84
N TRP A 28 -5.05 -6.65 -7.38
CA TRP A 28 -4.99 -8.10 -7.74
C TRP A 28 -5.55 -8.94 -6.59
N HIS A 29 -6.84 -9.21 -6.62
CA HIS A 29 -7.47 -10.04 -5.55
C HIS A 29 -7.25 -9.39 -4.18
N ARG A 30 -7.15 -8.08 -4.13
CA ARG A 30 -6.92 -7.36 -2.83
C ARG A 30 -5.61 -7.86 -2.20
N LEU A 31 -4.68 -8.31 -3.00
CA LEU A 31 -3.37 -8.81 -2.47
C LEU A 31 -2.23 -7.86 -2.87
N ARG A 32 -2.51 -6.87 -3.69
CA ARG A 32 -1.43 -5.92 -4.11
C ARG A 32 -1.58 -4.62 -3.31
N CYS A 33 -0.50 -3.94 -3.04
CA CYS A 33 -0.58 -2.66 -2.27
C CYS A 33 -0.62 -1.47 -3.24
N THR A 34 -1.71 -0.74 -3.22
CA THR A 34 -1.83 0.44 -4.12
C THR A 34 -1.60 1.72 -3.31
N CYS A 35 -0.50 2.41 -3.58
CA CYS A 35 -0.19 3.66 -2.82
C CYS A 35 -0.58 4.90 -3.65
N TYR A 36 -0.77 6.01 -2.99
CA TYR A 36 -1.15 7.27 -3.72
C TYR A 36 -0.13 8.38 -3.44
N ARG A 37 -0.10 9.39 -4.27
CA ARG A 37 0.86 10.53 -4.08
C ARG A 37 0.49 11.32 -2.82
N CYS A 38 1.45 12.03 -2.27
CA CYS A 38 1.18 12.84 -1.03
C CYS A 38 0.91 14.29 -1.43
N GLY A 39 -0.23 14.83 -1.03
CA GLY A 39 -0.57 16.24 -1.36
C GLY A 39 -0.08 17.17 -0.25
N GLY A 1 0.26 -9.68 -1.37
CA GLY A 1 1.68 -9.26 -1.24
C GLY A 1 1.79 -7.96 -0.42
N PHE A 2 2.98 -7.60 -0.03
CA PHE A 2 3.19 -6.34 0.76
C PHE A 2 2.34 -6.37 2.05
N GLY A 3 2.09 -7.54 2.58
CA GLY A 3 1.27 -7.66 3.83
C GLY A 3 -0.20 -7.35 3.52
N CYS A 4 -0.74 -7.94 2.47
CA CYS A 4 -2.18 -7.69 2.13
C CYS A 4 -3.02 -8.92 2.53
N PRO A 5 -4.31 -8.70 2.72
CA PRO A 5 -4.95 -7.38 2.56
C PRO A 5 -4.81 -6.51 3.82
N ASN A 6 -3.84 -6.78 4.68
CA ASN A 6 -3.65 -5.96 5.92
C ASN A 6 -3.43 -4.48 5.55
N ASN A 7 -4.11 -3.59 6.24
CA ASN A 7 -3.96 -2.13 5.94
C ASN A 7 -2.65 -1.59 6.54
N TYR A 8 -2.32 -1.99 7.75
CA TYR A 8 -1.06 -1.51 8.38
C TYR A 8 0.15 -1.98 7.57
N GLN A 9 0.23 -3.26 7.28
CA GLN A 9 1.38 -3.79 6.49
C GLN A 9 1.39 -3.15 5.10
N CYS A 10 0.25 -3.04 4.46
CA CYS A 10 0.18 -2.42 3.11
C CYS A 10 0.60 -0.95 3.20
N HIS A 11 0.13 -0.27 4.21
CA HIS A 11 0.49 1.17 4.40
C HIS A 11 1.99 1.28 4.66
N ARG A 12 2.53 0.39 5.46
CA ARG A 12 4.00 0.41 5.77
C ARG A 12 4.80 0.27 4.47
N HIS A 13 4.33 -0.53 3.54
CA HIS A 13 5.05 -0.72 2.24
C HIS A 13 4.99 0.59 1.44
N CYS A 14 3.84 1.22 1.39
CA CYS A 14 3.71 2.50 0.63
C CYS A 14 4.52 3.59 1.33
N LYS A 15 4.62 3.53 2.65
CA LYS A 15 5.39 4.55 3.40
C LYS A 15 6.89 4.47 3.03
N SER A 16 7.42 3.28 2.89
CA SER A 16 8.86 3.14 2.52
C SER A 16 9.09 3.70 1.11
N ILE A 17 8.07 3.67 0.27
CA ILE A 17 8.22 4.23 -1.12
C ILE A 17 8.17 5.76 -1.05
N PRO A 18 9.14 6.40 -1.66
CA PRO A 18 9.24 7.87 -1.68
C PRO A 18 8.24 8.48 -2.67
N GLY A 19 7.54 9.51 -2.26
CA GLY A 19 6.55 10.17 -3.16
C GLY A 19 5.12 9.75 -2.75
N ARG A 20 4.98 8.63 -2.09
CA ARG A 20 3.61 8.17 -1.68
C ARG A 20 3.41 8.45 -0.19
N CYS A 21 2.23 8.88 0.19
CA CYS A 21 1.96 9.17 1.64
C CYS A 21 1.34 7.94 2.31
N GLY A 22 0.48 7.24 1.62
CA GLY A 22 -0.16 6.02 2.22
C GLY A 22 -0.53 5.04 1.12
N GLY A 23 -1.23 3.97 1.47
CA GLY A 23 -1.63 2.97 0.44
C GLY A 23 -2.65 1.97 1.01
N TYR A 24 -3.21 1.15 0.15
CA TYR A 24 -4.22 0.14 0.61
C TYR A 24 -4.15 -1.10 -0.28
N CYS A 25 -4.76 -2.19 0.14
CA CYS A 25 -4.75 -3.44 -0.68
C CYS A 25 -5.97 -3.45 -1.61
N GLY A 26 -5.75 -3.56 -2.90
CA GLY A 26 -6.91 -3.58 -3.86
C GLY A 26 -6.39 -3.76 -5.30
N GLY A 27 -7.02 -4.61 -6.05
CA GLY A 27 -6.58 -4.85 -7.47
C GLY A 27 -6.55 -6.35 -7.74
N TRP A 28 -5.43 -6.99 -7.50
CA TRP A 28 -5.32 -8.45 -7.75
C TRP A 28 -5.75 -9.21 -6.49
N HIS A 29 -7.01 -9.59 -6.42
CA HIS A 29 -7.53 -10.34 -5.24
C HIS A 29 -7.29 -9.51 -3.96
N ARG A 30 -7.28 -8.20 -4.08
CA ARG A 30 -7.04 -7.32 -2.90
C ARG A 30 -5.68 -7.68 -2.27
N LEU A 31 -4.74 -8.11 -3.07
CA LEU A 31 -3.40 -8.47 -2.54
C LEU A 31 -2.35 -7.46 -3.02
N ARG A 32 -2.64 -6.72 -4.06
CA ARG A 32 -1.67 -5.70 -4.56
C ARG A 32 -1.80 -4.43 -3.72
N CYS A 33 -0.69 -3.81 -3.37
CA CYS A 33 -0.73 -2.57 -2.54
C CYS A 33 -0.73 -1.33 -3.45
N THR A 34 -1.82 -0.58 -3.44
CA THR A 34 -1.90 0.64 -4.29
C THR A 34 -1.60 1.88 -3.42
N CYS A 35 -0.52 2.57 -3.71
CA CYS A 35 -0.16 3.78 -2.92
C CYS A 35 -0.59 5.06 -3.67
N TYR A 36 -0.80 6.13 -2.95
CA TYR A 36 -1.20 7.41 -3.60
C TYR A 36 -0.19 8.51 -3.28
N ARG A 37 -0.18 9.57 -4.07
CA ARG A 37 0.79 10.70 -3.83
C ARG A 37 0.34 11.53 -2.62
N CYS A 38 1.24 12.28 -2.05
CA CYS A 38 0.89 13.12 -0.87
C CYS A 38 0.67 14.58 -1.33
N GLY A 39 -0.47 15.14 -0.99
CA GLY A 39 -0.77 16.55 -1.40
C GLY A 39 -0.29 17.51 -0.30
N GLY A 1 0.22 -9.93 -1.60
CA GLY A 1 1.64 -9.67 -1.20
C GLY A 1 1.72 -8.44 -0.30
N PHE A 2 2.91 -8.11 0.16
CA PHE A 2 3.10 -6.91 1.05
C PHE A 2 2.21 -7.03 2.30
N GLY A 3 1.97 -8.24 2.77
CA GLY A 3 1.12 -8.44 3.98
C GLY A 3 -0.30 -7.94 3.70
N CYS A 4 -0.89 -8.38 2.62
CA CYS A 4 -2.28 -7.93 2.28
C CYS A 4 -3.28 -9.04 2.66
N PRO A 5 -4.53 -8.65 2.85
CA PRO A 5 -4.98 -7.25 2.72
C PRO A 5 -4.72 -6.43 4.01
N ASN A 6 -3.82 -6.89 4.87
CA ASN A 6 -3.52 -6.13 6.13
C ASN A 6 -3.13 -4.69 5.79
N ASN A 7 -3.94 -3.75 6.21
CA ASN A 7 -3.64 -2.30 5.92
C ASN A 7 -2.36 -1.87 6.65
N TYR A 8 -2.03 -2.48 7.76
CA TYR A 8 -0.79 -2.11 8.50
C TYR A 8 0.44 -2.45 7.65
N GLN A 9 0.45 -3.61 7.04
CA GLN A 9 1.62 -4.00 6.19
C GLN A 9 1.61 -3.16 4.91
N CYS A 10 0.45 -2.93 4.34
CA CYS A 10 0.38 -2.12 3.10
C CYS A 10 0.74 -0.66 3.42
N HIS A 11 0.30 -0.17 4.55
CA HIS A 11 0.61 1.23 4.95
C HIS A 11 2.11 1.36 5.21
N ARG A 12 2.68 0.43 5.96
CA ARG A 12 4.14 0.48 6.25
C ARG A 12 4.92 0.33 4.94
N HIS A 13 4.44 -0.51 4.05
CA HIS A 13 5.13 -0.70 2.73
C HIS A 13 5.05 0.59 1.92
N CYS A 14 3.88 1.17 1.81
CA CYS A 14 3.73 2.45 1.05
C CYS A 14 4.54 3.56 1.73
N LYS A 15 4.63 3.53 3.05
CA LYS A 15 5.40 4.57 3.79
C LYS A 15 6.88 4.50 3.39
N SER A 16 7.44 3.31 3.25
CA SER A 16 8.87 3.19 2.86
C SER A 16 9.06 3.61 1.40
N ILE A 17 8.02 3.57 0.60
CA ILE A 17 8.16 3.98 -0.84
C ILE A 17 8.07 5.51 -0.94
N PRO A 18 9.03 6.09 -1.63
CA PRO A 18 9.10 7.56 -1.83
C PRO A 18 8.11 8.01 -2.90
N GLY A 19 7.51 9.17 -2.73
CA GLY A 19 6.53 9.68 -3.73
C GLY A 19 5.10 9.37 -3.28
N ARG A 20 4.93 8.49 -2.32
CA ARG A 20 3.55 8.14 -1.84
C ARG A 20 3.44 8.44 -0.33
N CYS A 21 2.25 8.78 0.12
CA CYS A 21 2.05 9.08 1.58
C CYS A 21 1.46 7.85 2.27
N GLY A 22 0.41 7.30 1.71
CA GLY A 22 -0.22 6.10 2.34
C GLY A 22 -0.70 5.14 1.22
N GLY A 23 -1.27 4.02 1.58
CA GLY A 23 -1.75 3.06 0.54
C GLY A 23 -2.71 2.04 1.14
N TYR A 24 -3.11 1.08 0.35
CA TYR A 24 -4.07 0.03 0.83
C TYR A 24 -4.02 -1.18 -0.13
N CYS A 25 -4.52 -2.30 0.30
CA CYS A 25 -4.51 -3.51 -0.57
C CYS A 25 -5.71 -3.46 -1.53
N GLY A 26 -5.48 -3.53 -2.81
CA GLY A 26 -6.60 -3.48 -3.80
C GLY A 26 -6.05 -3.57 -5.22
N GLY A 27 -6.68 -4.36 -6.05
CA GLY A 27 -6.22 -4.52 -7.47
C GLY A 27 -6.18 -6.00 -7.84
N TRP A 28 -5.14 -6.70 -7.43
CA TRP A 28 -5.03 -8.15 -7.74
C TRP A 28 -5.60 -8.95 -6.57
N HIS A 29 -6.88 -9.27 -6.62
CA HIS A 29 -7.53 -10.06 -5.53
C HIS A 29 -7.35 -9.32 -4.19
N ARG A 30 -7.28 -8.00 -4.22
CA ARG A 30 -7.08 -7.21 -2.98
C ARG A 30 -5.78 -7.64 -2.27
N LEU A 31 -4.82 -8.12 -3.03
CA LEU A 31 -3.53 -8.57 -2.44
C LEU A 31 -2.39 -7.62 -2.88
N ARG A 32 -2.59 -6.85 -3.93
CA ARG A 32 -1.54 -5.91 -4.40
C ARG A 32 -1.59 -4.62 -3.56
N CYS A 33 -0.45 -4.05 -3.25
CA CYS A 33 -0.43 -2.80 -2.42
C CYS A 33 -0.46 -1.57 -3.35
N THR A 34 -1.50 -0.79 -3.26
CA THR A 34 -1.62 0.43 -4.11
C THR A 34 -1.42 1.68 -3.23
N CYS A 35 -0.37 2.41 -3.45
CA CYS A 35 -0.09 3.63 -2.63
C CYS A 35 -0.52 4.88 -3.41
N TYR A 36 -1.20 5.80 -2.76
CA TYR A 36 -1.62 7.05 -3.47
C TYR A 36 -0.54 8.13 -3.33
N ARG A 37 -0.40 8.96 -4.33
CA ARG A 37 0.64 10.03 -4.30
C ARG A 37 0.30 11.09 -3.23
N CYS A 38 1.30 11.62 -2.58
CA CYS A 38 1.06 12.66 -1.52
C CYS A 38 1.01 14.05 -2.16
N GLY A 39 -0.06 14.76 -1.95
CA GLY A 39 -0.19 16.15 -2.53
C GLY A 39 0.37 17.17 -1.54
#